data_8Y1M
#
_entry.id   8Y1M
#
_cell.length_a   88.702
_cell.length_b   53.335
_cell.length_c   96.567
_cell.angle_alpha   90.000
_cell.angle_beta   93.580
_cell.angle_gamma   90.000
#
_symmetry.space_group_name_H-M   'P 1 21 1'
#
loop_
_entity.id
_entity.type
_entity.pdbx_description
1 polymer 'Endo-1,4-beta-xylanase A'
2 branched beta-D-xylopyranose-(1-4)-beta-D-xylopyranose
3 non-polymer 'CALCIUM ION'
4 non-polymer 'ACETATE ION'
5 non-polymer (4S)-2-METHYL-2,4-PENTANEDIOL
6 non-polymer 2-AMINO-2-HYDROXYMETHYL-PROPANE-1,3-DIOL
7 non-polymer DI(HYDROXYETHYL)ETHER
8 water water
#
_entity_poly.entity_id   1
_entity_poly.type   'polypeptide(L)'
_entity_poly.pdbx_seq_one_letter_code
;MNDQPFAWQVASLSERYQEQFDIGAAVEPYQLEGRQAQILKHHYNSLVAENAMKPESLQPREGEWNWEGADKIVEFARKH
NMELRFHTLVWHSQVPEWFFIDEDGNRMVDETDPDKREANKQLLLERMENHIKTVVERYKDDVTSWDVVNEVIDDGGGLR
ESEWYQITGTDYIKVAFETARKYGGEEAKLYINDYNTEVPSKRDDLYNLVKDLLEQGVPIDGVGHQSHIQIGWPSIEDTR
ASFEKFTSLGLDNQVTELDMSLYGWPPTGAYTSYDDIPAELLQAQADRYDQLFELYEELAADISSVTFWGIADNHTWLDG
RAREYNNGVGIDAPFVFDHNYRVKPAYWRIIDLEHHHHHH
;
_entity_poly.pdbx_strand_id   A,B
#
loop_
_chem_comp.id
_chem_comp.type
_chem_comp.name
_chem_comp.formula
ACT non-polymer 'ACETATE ION' 'C2 H3 O2 -1'
CA non-polymer 'CALCIUM ION' 'Ca 2'
MPD non-polymer (4S)-2-METHYL-2,4-PENTANEDIOL 'C6 H14 O2'
PEG non-polymer DI(HYDROXYETHYL)ETHER 'C4 H10 O3'
TRS non-polymer 2-AMINO-2-HYDROXYMETHYL-PROPANE-1,3-DIOL 'C4 H12 N O3 1'
XYP D-saccharide, beta linking beta-D-xylopyranose 'C5 H10 O5'
#
# COMPACT_ATOMS: atom_id res chain seq x y z
N ASP A 3 -24.23 8.24 -15.11
CA ASP A 3 -23.59 7.63 -16.26
C ASP A 3 -22.23 8.26 -16.58
N GLN A 4 -21.22 7.42 -16.73
CA GLN A 4 -19.88 7.92 -16.91
C GLN A 4 -19.63 8.31 -18.37
N PRO A 5 -18.74 9.28 -18.61
CA PRO A 5 -18.39 9.64 -19.99
C PRO A 5 -17.62 8.51 -20.68
N PHE A 6 -17.58 8.59 -22.00
CA PHE A 6 -16.79 7.65 -22.78
C PHE A 6 -15.31 8.02 -22.73
N ALA A 7 -14.46 7.04 -23.02
CA ALA A 7 -13.02 7.24 -22.93
C ALA A 7 -12.53 8.34 -23.85
N TRP A 8 -13.20 8.54 -24.98
CA TRP A 8 -12.74 9.57 -25.90
C TRP A 8 -13.23 10.96 -25.51
N GLN A 9 -13.93 11.07 -24.38
CA GLN A 9 -14.45 12.35 -23.88
C GLN A 9 -13.67 12.90 -22.69
N VAL A 10 -12.57 12.27 -22.29
CA VAL A 10 -11.90 12.61 -21.04
C VAL A 10 -10.41 12.88 -21.32
N ALA A 11 -9.74 13.46 -20.33
CA ALA A 11 -8.34 13.84 -20.49
C ALA A 11 -7.45 12.61 -20.68
N SER A 12 -6.40 12.79 -21.51
CA SER A 12 -5.53 11.70 -21.91
C SER A 12 -4.65 11.18 -20.77
N LEU A 13 -4.63 9.85 -20.59
CA LEU A 13 -3.72 9.24 -19.62
C LEU A 13 -2.27 9.49 -19.97
N SER A 14 -1.90 9.29 -21.24
CA SER A 14 -0.51 9.47 -21.63
C SER A 14 -0.04 10.90 -21.39
N GLU A 15 -0.88 11.89 -21.74
CA GLU A 15 -0.50 13.27 -21.47
C GLU A 15 -0.30 13.53 -19.97
N ARG A 16 -1.15 12.93 -19.14
CA ARG A 16 -1.02 13.10 -17.69
C ARG A 16 0.32 12.57 -17.17
N TYR A 17 0.84 11.49 -17.77
CA TYR A 17 2.08 10.90 -17.26
C TYR A 17 3.29 11.19 -18.15
N GLN A 18 3.18 12.15 -19.07
CA GLN A 18 4.20 12.29 -20.10
C GLN A 18 5.57 12.63 -19.54
N GLU A 19 5.64 13.27 -18.38
CA GLU A 19 6.96 13.58 -17.82
C GLU A 19 7.46 12.47 -16.90
N GLN A 20 6.71 11.39 -16.77
CA GLN A 20 7.01 10.34 -15.80
C GLN A 20 7.27 8.99 -16.46
N PHE A 21 6.38 8.52 -17.33
CA PHE A 21 6.60 7.26 -18.03
C PHE A 21 5.60 7.14 -19.17
N ASP A 22 5.97 6.35 -20.18
CA ASP A 22 5.03 5.98 -21.24
C ASP A 22 3.78 5.35 -20.64
N ILE A 23 2.67 5.49 -21.36
CA ILE A 23 1.44 4.77 -21.07
C ILE A 23 1.11 3.94 -22.31
N GLY A 24 1.09 2.61 -22.16
CA GLY A 24 0.95 1.74 -23.33
C GLY A 24 -0.23 0.78 -23.24
N ALA A 25 -0.59 0.17 -24.37
CA ALA A 25 -1.64 -0.85 -24.42
C ALA A 25 -1.22 -1.99 -25.34
N ALA A 26 -1.61 -3.21 -24.95
CA ALA A 26 -1.50 -4.38 -25.82
C ALA A 26 -2.67 -4.43 -26.79
N VAL A 27 -2.39 -4.77 -28.06
CA VAL A 27 -3.39 -4.69 -29.11
C VAL A 27 -3.29 -5.88 -30.04
N GLU A 28 -4.42 -6.17 -30.69
CA GLU A 28 -4.53 -7.03 -31.85
C GLU A 28 -4.74 -6.18 -33.10
N PRO A 29 -4.31 -6.66 -34.27
CA PRO A 29 -4.47 -5.86 -35.49
C PRO A 29 -5.92 -5.50 -35.78
N TYR A 30 -6.88 -6.36 -35.45
CA TYR A 30 -8.27 -6.01 -35.71
C TYR A 30 -8.79 -4.92 -34.79
N GLN A 31 -8.06 -4.55 -33.75
CA GLN A 31 -8.47 -3.46 -32.90
C GLN A 31 -8.04 -2.09 -33.41
N LEU A 32 -7.33 -2.01 -34.54
CA LEU A 32 -6.76 -0.75 -35.00
C LEU A 32 -7.74 0.06 -35.85
N GLU A 33 -9.03 -0.04 -35.53
CA GLU A 33 -10.08 0.71 -36.17
C GLU A 33 -11.10 1.13 -35.12
N GLY A 34 -12.00 2.01 -35.52
CA GLY A 34 -13.17 2.30 -34.71
C GLY A 34 -12.83 2.92 -33.36
N ARG A 35 -13.71 2.69 -32.38
CA ARG A 35 -13.54 3.30 -31.07
C ARG A 35 -12.26 2.85 -30.39
N GLN A 36 -11.85 1.59 -30.59
CA GLN A 36 -10.63 1.13 -29.94
C GLN A 36 -9.42 1.90 -30.47
N ALA A 37 -9.37 2.15 -31.78
CA ALA A 37 -8.30 2.96 -32.33
C ALA A 37 -8.37 4.39 -31.79
N GLN A 38 -9.57 4.98 -31.76
CA GLN A 38 -9.71 6.34 -31.23
C GLN A 38 -9.20 6.41 -29.80
N ILE A 39 -9.55 5.41 -28.98
CA ILE A 39 -9.08 5.40 -27.60
C ILE A 39 -7.57 5.23 -27.55
N LEU A 40 -7.04 4.31 -28.36
CA LEU A 40 -5.58 4.14 -28.42
C LEU A 40 -4.87 5.46 -28.69
N LYS A 41 -5.27 6.16 -29.74
CA LYS A 41 -4.55 7.36 -30.12
C LYS A 41 -4.72 8.48 -29.11
N HIS A 42 -5.76 8.44 -28.30
CA HIS A 42 -6.00 9.52 -27.37
C HIS A 42 -5.26 9.33 -26.06
N HIS A 43 -5.22 8.10 -25.54
CA HIS A 43 -4.77 7.84 -24.18
C HIS A 43 -3.38 7.23 -24.08
N TYR A 44 -2.83 6.72 -25.17
CA TYR A 44 -1.62 5.92 -25.10
C TYR A 44 -0.57 6.46 -26.05
N ASN A 45 0.69 6.39 -25.63
CA ASN A 45 1.79 6.75 -26.52
C ASN A 45 2.76 5.58 -26.71
N SER A 46 2.32 4.37 -26.40
CA SER A 46 3.14 3.19 -26.57
C SER A 46 2.20 2.02 -26.86
N LEU A 47 2.66 1.09 -27.68
CA LEU A 47 1.91 -0.10 -28.05
C LEU A 47 2.77 -1.33 -27.84
N VAL A 48 2.10 -2.48 -27.72
CA VAL A 48 2.75 -3.78 -27.81
C VAL A 48 1.76 -4.73 -28.48
N ALA A 49 2.27 -5.74 -29.18
CA ALA A 49 1.40 -6.73 -29.81
C ALA A 49 1.00 -7.77 -28.76
N GLU A 50 -0.31 -7.95 -28.54
CA GLU A 50 -0.75 -8.96 -27.59
C GLU A 50 -0.31 -10.36 -28.02
N ASN A 51 -0.31 -10.63 -29.33
CA ASN A 51 -0.02 -11.97 -29.85
C ASN A 51 0.75 -12.01 -31.15
N ALA A 52 0.68 -10.97 -31.99
CA ALA A 52 1.16 -11.05 -33.38
C ALA A 52 2.67 -11.12 -33.52
N MET A 53 3.45 -10.86 -32.46
CA MET A 53 4.91 -10.89 -32.57
C MET A 53 5.53 -12.02 -31.75
N LYS A 54 4.73 -12.93 -31.22
CA LYS A 54 5.24 -14.09 -30.51
C LYS A 54 5.85 -15.08 -31.49
N PRO A 55 6.76 -15.94 -31.00
CA PRO A 55 7.52 -16.80 -31.94
C PRO A 55 6.63 -17.66 -32.84
N GLU A 56 5.57 -18.27 -32.31
CA GLU A 56 4.70 -19.10 -33.13
CA GLU A 56 4.70 -19.10 -33.14
C GLU A 56 3.86 -18.27 -34.11
N SER A 57 3.55 -17.01 -33.75
CA SER A 57 2.83 -16.15 -34.69
C SER A 57 3.72 -15.77 -35.87
N LEU A 58 5.00 -15.51 -35.62
CA LEU A 58 5.87 -14.98 -36.65
C LEU A 58 6.48 -16.08 -37.54
N GLN A 59 6.87 -17.20 -36.97
CA GLN A 59 7.54 -18.29 -37.72
C GLN A 59 6.92 -19.62 -37.33
N PRO A 60 5.66 -19.85 -37.70
CA PRO A 60 4.96 -21.05 -37.23
C PRO A 60 5.56 -22.34 -37.77
N ARG A 61 6.14 -22.30 -38.97
CA ARG A 61 6.94 -23.38 -39.54
C ARG A 61 8.27 -22.78 -39.98
N GLU A 62 9.30 -23.61 -40.03
CA GLU A 62 10.63 -23.06 -40.31
C GLU A 62 10.68 -22.42 -41.70
N GLY A 63 11.09 -21.14 -41.74
CA GLY A 63 11.13 -20.39 -42.98
C GLY A 63 9.78 -19.90 -43.47
N GLU A 64 8.72 -20.11 -42.71
CA GLU A 64 7.41 -19.54 -43.02
C GLU A 64 7.24 -18.32 -42.12
N TRP A 65 7.37 -17.14 -42.69
CA TRP A 65 7.31 -15.88 -41.94
C TRP A 65 5.95 -15.25 -42.13
N ASN A 66 5.23 -15.09 -41.03
CA ASN A 66 3.87 -14.57 -41.02
C ASN A 66 3.91 -13.14 -40.47
N TRP A 67 4.27 -12.18 -41.33
CA TRP A 67 4.54 -10.81 -40.91
C TRP A 67 3.32 -9.89 -40.88
N GLU A 68 2.20 -10.29 -41.47
CA GLU A 68 1.15 -9.33 -41.82
C GLU A 68 0.55 -8.65 -40.59
N GLY A 69 0.15 -9.42 -39.58
CA GLY A 69 -0.44 -8.82 -38.40
C GLY A 69 0.54 -7.91 -37.67
N ALA A 70 1.76 -8.39 -37.47
CA ALA A 70 2.78 -7.58 -36.80
C ALA A 70 3.07 -6.31 -37.61
N ASP A 71 3.16 -6.44 -38.94
CA ASP A 71 3.41 -5.27 -39.78
C ASP A 71 2.33 -4.21 -39.62
N LYS A 72 1.06 -4.62 -39.53
CA LYS A 72 -0.02 -3.67 -39.35
C LYS A 72 0.10 -2.92 -38.02
N ILE A 73 0.54 -3.61 -36.96
CA ILE A 73 0.77 -2.92 -35.69
C ILE A 73 1.93 -1.93 -35.79
N VAL A 74 3.01 -2.33 -36.47
CA VAL A 74 4.14 -1.43 -36.68
C VAL A 74 3.71 -0.19 -37.49
N GLU A 75 2.92 -0.40 -38.54
CA GLU A 75 2.47 0.73 -39.36
C GLU A 75 1.56 1.68 -38.57
N PHE A 76 0.69 1.12 -37.75
CA PHE A 76 -0.15 1.96 -36.90
C PHE A 76 0.72 2.79 -35.96
N ALA A 77 1.76 2.18 -35.38
CA ALA A 77 2.64 2.91 -34.48
C ALA A 77 3.39 4.02 -35.20
N ARG A 78 3.83 3.75 -36.44
CA ARG A 78 4.48 4.79 -37.25
C ARG A 78 3.53 5.95 -37.50
N LYS A 79 2.31 5.64 -37.97
CA LYS A 79 1.38 6.67 -38.41
C LYS A 79 0.96 7.58 -37.25
N HIS A 80 0.80 7.01 -36.06
CA HIS A 80 0.33 7.79 -34.92
C HIS A 80 1.43 8.08 -33.92
N ASN A 81 2.69 7.88 -34.32
CA ASN A 81 3.88 8.27 -33.57
C ASN A 81 3.90 7.67 -32.16
N MET A 82 3.65 6.37 -32.09
CA MET A 82 3.64 5.66 -30.81
C MET A 82 4.92 4.86 -30.64
N GLU A 83 5.46 4.89 -29.43
CA GLU A 83 6.54 3.98 -29.06
C GLU A 83 6.04 2.54 -29.18
N LEU A 84 6.96 1.62 -29.46
CA LEU A 84 6.58 0.23 -29.68
C LEU A 84 7.49 -0.70 -28.88
N ARG A 85 6.89 -1.53 -28.04
CA ARG A 85 7.58 -2.65 -27.43
C ARG A 85 7.42 -3.89 -28.29
N PHE A 86 8.46 -4.72 -28.31
CA PHE A 86 8.40 -6.01 -29.01
C PHE A 86 8.22 -7.15 -28.00
N HIS A 87 7.14 -7.90 -28.16
CA HIS A 87 6.80 -9.04 -27.30
C HIS A 87 6.50 -10.21 -28.22
N THR A 88 7.32 -11.28 -28.20
CA THR A 88 8.51 -11.47 -27.40
C THR A 88 9.44 -12.41 -28.18
N LEU A 89 10.75 -12.30 -27.99
CA LEU A 89 11.64 -13.03 -28.87
C LEU A 89 11.72 -14.50 -28.51
N VAL A 90 11.68 -14.82 -27.22
CA VAL A 90 11.90 -16.18 -26.71
C VAL A 90 10.93 -16.44 -25.56
N TRP A 91 10.16 -17.52 -25.66
CA TRP A 91 9.20 -17.91 -24.63
C TRP A 91 9.02 -19.42 -24.72
N HIS A 92 8.56 -20.04 -23.63
CA HIS A 92 8.24 -21.47 -23.65
C HIS A 92 6.81 -21.73 -24.08
N SER A 93 5.99 -20.70 -24.22
CA SER A 93 4.63 -20.85 -24.71
C SER A 93 4.50 -20.08 -26.02
N GLN A 94 3.48 -20.42 -26.80
CA GLN A 94 3.28 -19.83 -28.14
C GLN A 94 4.61 -19.78 -28.90
N VAL A 95 5.30 -20.92 -28.87
CA VAL A 95 6.58 -21.11 -29.56
C VAL A 95 6.39 -22.37 -30.39
N PRO A 96 6.80 -22.38 -31.66
CA PRO A 96 6.46 -23.53 -32.51
C PRO A 96 7.32 -24.74 -32.18
N GLU A 97 6.71 -25.92 -32.21
CA GLU A 97 7.43 -27.10 -31.75
C GLU A 97 8.57 -27.48 -32.67
N TRP A 98 8.57 -27.03 -33.94
CA TRP A 98 9.66 -27.40 -34.85
C TRP A 98 11.02 -26.97 -34.32
N PHE A 99 11.08 -25.93 -33.48
CA PHE A 99 12.35 -25.49 -32.91
C PHE A 99 13.07 -26.63 -32.21
N PHE A 100 12.32 -27.49 -31.53
CA PHE A 100 12.85 -28.50 -30.63
C PHE A 100 12.90 -29.89 -31.25
N ILE A 101 12.81 -29.99 -32.57
CA ILE A 101 12.86 -31.25 -33.30
C ILE A 101 14.16 -31.29 -34.10
N ASP A 102 14.95 -32.37 -33.96
CA ASP A 102 16.23 -32.41 -34.66
C ASP A 102 16.01 -32.71 -36.14
N GLU A 103 17.09 -32.72 -36.92
CA GLU A 103 16.94 -32.87 -38.37
C GLU A 103 16.57 -34.29 -38.77
N ASP A 104 16.55 -35.23 -37.84
CA ASP A 104 16.03 -36.58 -38.09
C ASP A 104 14.56 -36.72 -37.70
N GLY A 105 13.93 -35.66 -37.21
CA GLY A 105 12.55 -35.71 -36.78
C GLY A 105 12.33 -36.11 -35.35
N ASN A 106 13.40 -36.26 -34.55
CA ASN A 106 13.28 -36.71 -33.17
C ASN A 106 13.20 -35.52 -32.22
N ARG A 107 12.46 -35.71 -31.11
CA ARG A 107 12.33 -34.66 -30.10
CA ARG A 107 12.33 -34.66 -30.10
C ARG A 107 13.65 -34.51 -29.36
N MET A 108 14.19 -33.29 -29.33
CA MET A 108 15.48 -33.09 -28.68
C MET A 108 15.44 -33.44 -27.19
N VAL A 109 14.32 -33.14 -26.52
CA VAL A 109 14.29 -33.36 -25.08
C VAL A 109 14.42 -34.84 -24.74
N ASP A 110 14.10 -35.73 -25.68
CA ASP A 110 14.17 -37.16 -25.45
C ASP A 110 15.54 -37.75 -25.74
N GLU A 111 16.50 -36.95 -26.20
CA GLU A 111 17.79 -37.49 -26.64
C GLU A 111 18.66 -37.90 -25.46
N THR A 112 19.12 -39.15 -25.47
CA THR A 112 19.98 -39.67 -24.40
C THR A 112 21.48 -39.63 -24.74
N ASP A 113 21.85 -39.69 -26.01
CA ASP A 113 23.27 -39.70 -26.38
C ASP A 113 23.90 -38.35 -26.08
N PRO A 114 24.95 -38.29 -25.25
CA PRO A 114 25.51 -36.99 -24.85
C PRO A 114 26.00 -36.15 -26.02
N ASP A 115 26.63 -36.78 -27.02
CA ASP A 115 27.15 -36.02 -28.14
C ASP A 115 26.03 -35.45 -28.99
N LYS A 116 24.97 -36.23 -29.21
CA LYS A 116 23.81 -35.71 -29.92
C LYS A 116 23.11 -34.60 -29.15
N ARG A 117 23.09 -34.67 -27.82
CA ARG A 117 22.51 -33.58 -27.03
C ARG A 117 23.28 -32.29 -27.24
N GLU A 118 24.60 -32.37 -27.33
CA GLU A 118 25.41 -31.18 -27.57
C GLU A 118 25.15 -30.60 -28.96
N ALA A 119 24.97 -31.47 -29.96
CA ALA A 119 24.60 -30.98 -31.29
C ALA A 119 23.21 -30.37 -31.30
N ASN A 120 22.25 -31.01 -30.60
CA ASN A 120 20.92 -30.44 -30.50
C ASN A 120 20.97 -29.05 -29.88
N LYS A 121 21.83 -28.87 -28.88
CA LYS A 121 21.98 -27.56 -28.25
C LYS A 121 22.43 -26.52 -29.27
N GLN A 122 23.43 -26.88 -30.09
CA GLN A 122 23.91 -25.94 -31.09
CA GLN A 122 23.93 -25.95 -31.10
C GLN A 122 22.85 -25.66 -32.15
N LEU A 123 22.10 -26.68 -32.57
CA LEU A 123 21.05 -26.46 -33.58
C LEU A 123 19.96 -25.55 -33.05
N LEU A 124 19.48 -25.81 -31.83
CA LEU A 124 18.44 -24.97 -31.23
C LEU A 124 18.90 -23.53 -31.06
N LEU A 125 20.11 -23.35 -30.51
CA LEU A 125 20.65 -22.00 -30.37
C LEU A 125 20.78 -21.31 -31.73
N GLU A 126 21.22 -22.05 -32.75
CA GLU A 126 21.33 -21.42 -34.06
C GLU A 126 19.96 -21.07 -34.64
N ARG A 127 18.97 -21.91 -34.38
CA ARG A 127 17.61 -21.58 -34.83
C ARG A 127 17.08 -20.35 -34.12
N MET A 128 17.34 -20.25 -32.80
CA MET A 128 16.92 -19.08 -32.04
C MET A 128 17.65 -17.82 -32.51
N GLU A 129 18.97 -17.94 -32.74
CA GLU A 129 19.74 -16.80 -33.26
C GLU A 129 19.15 -16.28 -34.57
N ASN A 130 18.81 -17.21 -35.48
CA ASN A 130 18.29 -16.78 -36.78
C ASN A 130 16.89 -16.20 -36.66
N HIS A 131 16.08 -16.72 -35.73
CA HIS A 131 14.78 -16.13 -35.47
C HIS A 131 14.95 -14.70 -34.97
N ILE A 132 15.85 -14.51 -34.01
CA ILE A 132 16.07 -13.17 -33.47
C ILE A 132 16.65 -12.26 -34.54
N LYS A 133 17.68 -12.74 -35.25
CA LYS A 133 18.31 -11.90 -36.27
C LYS A 133 17.28 -11.41 -37.29
N THR A 134 16.48 -12.33 -37.81
CA THR A 134 15.50 -11.99 -38.84
C THR A 134 14.49 -10.97 -38.32
N VAL A 135 13.98 -11.18 -37.11
CA VAL A 135 12.97 -10.30 -36.55
C VAL A 135 13.55 -8.93 -36.23
N VAL A 136 14.72 -8.91 -35.57
CA VAL A 136 15.34 -7.64 -35.21
C VAL A 136 15.72 -6.85 -36.47
N GLU A 137 16.29 -7.52 -37.47
CA GLU A 137 16.67 -6.79 -38.68
CA GLU A 137 16.67 -6.79 -38.68
C GLU A 137 15.46 -6.14 -39.35
N ARG A 138 14.29 -6.77 -39.27
CA ARG A 138 13.09 -6.19 -39.88
C ARG A 138 12.54 -5.02 -39.07
N TYR A 139 12.55 -5.12 -37.74
CA TYR A 139 11.84 -4.14 -36.93
C TYR A 139 12.76 -3.23 -36.12
N LYS A 140 14.09 -3.32 -36.33
CA LYS A 140 15.11 -2.54 -35.62
CA LYS A 140 14.98 -2.60 -35.43
C LYS A 140 14.73 -1.09 -35.41
N ASP A 141 14.24 -0.48 -36.48
CA ASP A 141 14.06 0.95 -36.49
C ASP A 141 12.71 1.39 -35.92
N ASP A 142 11.81 0.45 -35.63
CA ASP A 142 10.51 0.74 -35.08
C ASP A 142 10.35 0.34 -33.62
N VAL A 143 11.20 -0.53 -33.08
CA VAL A 143 11.05 -1.05 -31.73
C VAL A 143 11.97 -0.29 -30.80
N THR A 144 11.45 0.17 -29.67
CA THR A 144 12.27 0.80 -28.64
C THR A 144 12.70 -0.18 -27.56
N SER A 145 11.78 -1.01 -27.08
CA SER A 145 12.02 -1.93 -25.99
C SER A 145 11.70 -3.34 -26.46
N TRP A 146 12.60 -4.28 -26.17
CA TRP A 146 12.45 -5.68 -26.58
C TRP A 146 12.28 -6.57 -25.35
N ASP A 147 11.21 -7.37 -25.33
CA ASP A 147 11.12 -8.51 -24.41
C ASP A 147 11.93 -9.64 -25.01
N VAL A 148 13.21 -9.72 -24.63
CA VAL A 148 14.10 -10.70 -25.25
C VAL A 148 13.76 -12.11 -24.79
N VAL A 149 13.66 -12.32 -23.48
CA VAL A 149 13.20 -13.61 -22.95
C VAL A 149 12.03 -13.33 -22.02
N ASN A 150 11.10 -14.28 -21.96
CA ASN A 150 9.87 -14.16 -21.21
C ASN A 150 9.75 -15.37 -20.28
N GLU A 151 9.52 -15.13 -18.98
CA GLU A 151 9.12 -16.16 -18.02
C GLU A 151 10.15 -17.29 -17.85
N VAL A 152 11.43 -16.92 -17.67
CA VAL A 152 12.46 -17.96 -17.57
C VAL A 152 12.68 -18.46 -16.15
N ILE A 153 12.03 -17.86 -15.14
CA ILE A 153 12.19 -18.21 -13.73
C ILE A 153 11.00 -19.07 -13.30
N ASP A 154 11.25 -20.10 -12.50
CA ASP A 154 10.15 -20.99 -12.11
C ASP A 154 9.51 -20.47 -10.84
N ASP A 155 8.17 -20.61 -10.77
CA ASP A 155 7.44 -20.17 -9.59
C ASP A 155 7.84 -20.97 -8.36
N GLY A 156 8.25 -22.23 -8.56
CA GLY A 156 8.76 -23.07 -7.50
C GLY A 156 10.19 -22.84 -7.10
N GLY A 157 10.89 -21.89 -7.71
CA GLY A 157 12.29 -21.66 -7.41
C GLY A 157 13.18 -22.14 -8.55
N GLY A 158 14.26 -21.41 -8.77
CA GLY A 158 15.20 -21.76 -9.82
C GLY A 158 14.69 -21.40 -11.20
N LEU A 159 15.41 -21.90 -12.21
CA LEU A 159 15.05 -21.65 -13.60
C LEU A 159 13.90 -22.54 -14.02
N ARG A 160 13.04 -22.00 -14.88
CA ARG A 160 11.95 -22.79 -15.45
C ARG A 160 12.52 -23.86 -16.38
N GLU A 161 12.15 -25.12 -16.13
CA GLU A 161 12.71 -26.24 -16.89
C GLU A 161 11.88 -26.51 -18.15
N SER A 162 11.76 -25.47 -18.98
CA SER A 162 11.16 -25.58 -20.30
C SER A 162 12.10 -26.32 -21.24
N GLU A 163 11.61 -26.55 -22.46
CA GLU A 163 12.43 -27.13 -23.53
CA GLU A 163 12.46 -27.18 -23.48
C GLU A 163 13.72 -26.37 -23.72
N TRP A 164 13.63 -25.03 -23.69
CA TRP A 164 14.81 -24.18 -23.83
C TRP A 164 15.87 -24.54 -22.80
N TYR A 165 15.47 -24.68 -21.54
CA TYR A 165 16.43 -24.96 -20.47
C TYR A 165 16.92 -26.39 -20.52
N GLN A 166 16.03 -27.35 -20.81
CA GLN A 166 16.43 -28.74 -20.87
C GLN A 166 17.47 -28.96 -21.96
N ILE A 167 17.36 -28.25 -23.07
CA ILE A 167 18.26 -28.47 -24.21
C ILE A 167 19.51 -27.62 -24.14
N THR A 168 19.45 -26.40 -23.61
CA THR A 168 20.59 -25.48 -23.65
C THR A 168 21.05 -24.99 -22.28
N GLY A 169 20.38 -25.35 -21.20
CA GLY A 169 20.72 -24.76 -19.91
C GLY A 169 20.36 -23.29 -19.91
N THR A 170 21.21 -22.47 -19.32
CA THR A 170 20.98 -21.03 -19.37
C THR A 170 21.50 -20.40 -20.64
N ASP A 171 22.09 -21.18 -21.56
CA ASP A 171 22.77 -20.56 -22.69
C ASP A 171 21.79 -19.88 -23.64
N TYR A 172 20.54 -20.37 -23.73
CA TYR A 172 19.57 -19.69 -24.57
C TYR A 172 19.35 -18.26 -24.11
N ILE A 173 19.41 -18.02 -22.79
CA ILE A 173 19.21 -16.66 -22.29
C ILE A 173 20.38 -15.77 -22.68
N LYS A 174 21.61 -16.22 -22.45
CA LYS A 174 22.77 -15.41 -22.79
C LYS A 174 22.80 -15.14 -24.28
N VAL A 175 22.57 -16.18 -25.09
CA VAL A 175 22.67 -16.02 -26.54
C VAL A 175 21.56 -15.13 -27.08
N ALA A 176 20.37 -15.19 -26.48
CA ALA A 176 19.28 -14.35 -26.97
C ALA A 176 19.59 -12.87 -26.78
N PHE A 177 20.09 -12.49 -25.60
CA PHE A 177 20.44 -11.08 -25.38
C PHE A 177 21.61 -10.66 -26.26
N GLU A 178 22.65 -11.50 -26.32
CA GLU A 178 23.81 -11.18 -27.16
CA GLU A 178 23.81 -11.16 -27.15
C GLU A 178 23.40 -10.97 -28.60
N THR A 179 22.48 -11.81 -29.10
CA THR A 179 22.05 -11.70 -30.50
C THR A 179 21.16 -10.46 -30.70
N ALA A 180 20.23 -10.21 -29.77
CA ALA A 180 19.42 -9.01 -29.89
C ALA A 180 20.28 -7.75 -29.90
N ARG A 181 21.33 -7.73 -29.08
CA ARG A 181 22.22 -6.56 -29.05
C ARG A 181 23.04 -6.47 -30.34
N LYS A 182 23.54 -7.61 -30.81
CA LYS A 182 24.33 -7.64 -32.03
C LYS A 182 23.57 -7.02 -33.19
N TYR A 183 22.30 -7.39 -33.37
CA TYR A 183 21.58 -6.91 -34.54
C TYR A 183 20.74 -5.67 -34.28
N GLY A 184 20.39 -5.39 -33.02
CA GLY A 184 19.62 -4.19 -32.73
C GLY A 184 20.51 -3.00 -32.46
N GLY A 185 21.77 -3.26 -32.15
CA GLY A 185 22.71 -2.21 -31.83
C GLY A 185 22.64 -1.81 -30.37
N GLU A 186 23.64 -1.02 -29.95
CA GLU A 186 23.69 -0.51 -28.59
C GLU A 186 22.47 0.31 -28.22
N GLU A 187 21.77 0.86 -29.20
CA GLU A 187 20.60 1.70 -28.95
C GLU A 187 19.40 0.89 -28.47
N ALA A 188 19.31 -0.37 -28.87
CA ALA A 188 18.16 -1.20 -28.53
C ALA A 188 18.11 -1.45 -27.02
N LYS A 189 16.92 -1.36 -26.44
CA LYS A 189 16.73 -1.58 -25.01
C LYS A 189 16.16 -2.98 -24.79
N LEU A 190 16.91 -3.81 -24.07
CA LEU A 190 16.66 -5.24 -23.98
C LEU A 190 16.18 -5.62 -22.58
N TYR A 191 15.02 -6.29 -22.51
CA TYR A 191 14.36 -6.54 -21.24
C TYR A 191 14.20 -8.04 -21.04
N ILE A 192 14.36 -8.47 -19.80
CA ILE A 192 13.88 -9.77 -19.35
C ILE A 192 12.53 -9.54 -18.68
N ASN A 193 11.52 -10.30 -19.10
CA ASN A 193 10.13 -10.05 -18.72
C ASN A 193 9.62 -11.23 -17.91
N ASP A 194 8.85 -10.95 -16.85
CA ASP A 194 8.28 -12.03 -16.05
C ASP A 194 7.11 -11.52 -15.23
N TYR A 195 6.31 -12.47 -14.72
CA TYR A 195 5.20 -12.17 -13.84
C TYR A 195 5.55 -12.57 -12.41
N ASN A 196 4.80 -12.04 -11.45
CA ASN A 196 5.05 -12.28 -10.03
C ASN A 196 6.45 -11.85 -9.60
N THR A 197 6.98 -10.82 -10.26
CA THR A 197 8.25 -10.23 -9.86
C THR A 197 8.16 -9.52 -8.50
N GLU A 198 6.96 -9.38 -7.94
CA GLU A 198 6.75 -8.83 -6.60
C GLU A 198 6.85 -9.88 -5.51
N VAL A 199 6.75 -11.16 -5.86
CA VAL A 199 6.86 -12.26 -4.92
C VAL A 199 8.33 -12.34 -4.52
N PRO A 200 8.67 -12.14 -3.24
CA PRO A 200 10.09 -12.00 -2.86
C PRO A 200 10.98 -13.17 -3.30
N SER A 201 10.52 -14.41 -3.17
CA SER A 201 11.33 -15.55 -3.58
C SER A 201 11.59 -15.53 -5.09
N LYS A 202 10.58 -15.14 -5.88
CA LYS A 202 10.79 -15.08 -7.33
C LYS A 202 11.59 -13.85 -7.72
N ARG A 203 11.29 -12.71 -7.09
CA ARG A 203 12.12 -11.52 -7.29
C ARG A 203 13.59 -11.83 -7.06
N ASP A 204 13.90 -12.57 -6.00
CA ASP A 204 15.30 -12.83 -5.66
C ASP A 204 15.95 -13.78 -6.65
N ASP A 205 15.19 -14.76 -7.16
CA ASP A 205 15.72 -15.65 -8.19
C ASP A 205 16.06 -14.87 -9.45
N LEU A 206 15.14 -13.98 -9.86
CA LEU A 206 15.37 -13.18 -11.07
C LEU A 206 16.55 -12.25 -10.90
N TYR A 207 16.63 -11.59 -9.74
CA TYR A 207 17.74 -10.71 -9.43
C TYR A 207 19.07 -11.46 -9.52
N ASN A 208 19.13 -12.66 -8.92
CA ASN A 208 20.38 -13.41 -8.90
C ASN A 208 20.76 -13.90 -10.30
N LEU A 209 19.78 -14.29 -11.10
CA LEU A 209 20.08 -14.66 -12.49
C LEU A 209 20.59 -13.44 -13.26
N VAL A 210 19.89 -12.31 -13.17
CA VAL A 210 20.28 -11.14 -13.94
C VAL A 210 21.64 -10.62 -13.49
N LYS A 211 21.89 -10.60 -12.17
CA LYS A 211 23.18 -10.15 -11.66
C LYS A 211 24.32 -11.02 -12.21
N ASP A 212 24.13 -12.34 -12.18
CA ASP A 212 25.16 -13.23 -12.70
CA ASP A 212 25.15 -13.24 -12.70
C ASP A 212 25.39 -13.00 -14.19
N LEU A 213 24.33 -12.75 -14.95
CA LEU A 213 24.48 -12.54 -16.38
C LEU A 213 25.17 -11.22 -16.67
N LEU A 214 24.76 -10.16 -15.96
CA LEU A 214 25.43 -8.88 -16.12
C LEU A 214 26.91 -9.01 -15.81
N GLU A 215 27.25 -9.84 -14.82
CA GLU A 215 28.65 -10.02 -14.45
C GLU A 215 29.44 -10.75 -15.52
N GLN A 216 28.76 -11.49 -16.38
CA GLN A 216 29.38 -12.14 -17.52
C GLN A 216 29.33 -11.29 -18.80
N GLY A 217 28.84 -10.06 -18.71
CA GLY A 217 28.78 -9.17 -19.86
C GLY A 217 27.55 -9.34 -20.73
N VAL A 218 26.54 -10.06 -20.25
CA VAL A 218 25.32 -10.20 -21.05
C VAL A 218 24.60 -8.85 -21.09
N PRO A 219 24.21 -8.36 -22.26
CA PRO A 219 23.62 -7.03 -22.35
C PRO A 219 22.14 -7.01 -21.98
N ILE A 220 21.81 -6.78 -20.71
CA ILE A 220 20.43 -6.67 -20.24
C ILE A 220 20.22 -5.25 -19.76
N ASP A 221 19.23 -4.55 -20.33
CA ASP A 221 18.98 -3.16 -19.97
C ASP A 221 17.90 -2.98 -18.92
N GLY A 222 17.02 -3.94 -18.73
CA GLY A 222 15.98 -3.71 -17.75
C GLY A 222 15.13 -4.93 -17.53
N VAL A 223 14.23 -4.79 -16.55
CA VAL A 223 13.30 -5.85 -16.15
C VAL A 223 11.88 -5.45 -16.52
N GLY A 224 11.16 -6.36 -17.15
CA GLY A 224 9.76 -6.19 -17.41
C GLY A 224 8.94 -6.87 -16.35
N HIS A 225 8.11 -6.09 -15.66
CA HIS A 225 7.20 -6.57 -14.63
C HIS A 225 5.82 -6.71 -15.26
N GLN A 226 5.40 -7.95 -15.54
CA GLN A 226 4.12 -8.15 -16.22
C GLN A 226 2.99 -7.53 -15.42
N SER A 227 3.01 -7.67 -14.10
CA SER A 227 2.04 -7.00 -13.25
C SER A 227 0.61 -7.50 -13.54
N HIS A 228 0.46 -8.82 -13.61
CA HIS A 228 -0.88 -9.42 -13.65
C HIS A 228 -1.32 -9.54 -12.20
N ILE A 229 -1.99 -8.50 -11.72
CA ILE A 229 -2.24 -8.37 -10.29
C ILE A 229 -3.73 -8.42 -9.98
N GLN A 230 -4.06 -8.22 -8.70
CA GLN A 230 -5.43 -8.35 -8.20
C GLN A 230 -5.73 -7.14 -7.31
N ILE A 231 -7.00 -7.06 -6.87
CA ILE A 231 -7.37 -5.97 -5.98
C ILE A 231 -6.73 -6.15 -4.61
N GLY A 232 -6.55 -7.39 -4.16
CA GLY A 232 -5.99 -7.63 -2.85
C GLY A 232 -4.57 -8.15 -2.83
N TRP A 233 -3.86 -8.14 -3.98
CA TRP A 233 -2.56 -8.81 -4.05
C TRP A 233 -1.89 -8.43 -5.37
N PRO A 234 -0.58 -8.23 -5.40
CA PRO A 234 0.38 -8.19 -4.30
C PRO A 234 0.43 -6.80 -3.66
N SER A 235 1.19 -6.66 -2.58
CA SER A 235 1.22 -5.40 -1.85
C SER A 235 2.01 -4.34 -2.60
N ILE A 236 1.61 -3.08 -2.40
CA ILE A 236 2.41 -1.96 -2.89
C ILE A 236 3.83 -2.05 -2.34
N GLU A 237 3.96 -2.50 -1.09
CA GLU A 237 5.27 -2.60 -0.46
CA GLU A 237 5.28 -2.60 -0.47
C GLU A 237 6.16 -3.61 -1.18
N ASP A 238 5.60 -4.77 -1.56
CA ASP A 238 6.41 -5.76 -2.28
C ASP A 238 6.71 -5.30 -3.70
N THR A 239 5.77 -4.59 -4.34
CA THR A 239 6.03 -4.01 -5.65
C THR A 239 7.18 -3.00 -5.59
N ARG A 240 7.16 -2.13 -4.56
CA ARG A 240 8.25 -1.16 -4.39
C ARG A 240 9.58 -1.86 -4.20
N ALA A 241 9.62 -2.91 -3.39
CA ALA A 241 10.88 -3.59 -3.08
C ALA A 241 11.47 -4.24 -4.33
N SER A 242 10.61 -4.81 -5.18
CA SER A 242 11.06 -5.41 -6.43
C SER A 242 11.68 -4.36 -7.36
N PHE A 243 10.94 -3.28 -7.64
CA PHE A 243 11.49 -2.24 -8.52
C PHE A 243 12.83 -1.73 -8.00
N GLU A 244 12.94 -1.51 -6.70
CA GLU A 244 14.15 -0.95 -6.14
C GLU A 244 15.31 -1.93 -6.22
N LYS A 245 15.04 -3.23 -6.10
CA LYS A 245 16.12 -4.20 -6.18
C LYS A 245 16.72 -4.23 -7.57
N PHE A 246 15.89 -4.10 -8.61
CA PHE A 246 16.47 -4.12 -9.95
C PHE A 246 17.11 -2.80 -10.33
N THR A 247 16.56 -1.67 -9.85
CA THR A 247 17.24 -0.39 -10.02
C THR A 247 18.65 -0.43 -9.41
N SER A 248 18.84 -1.19 -8.33
CA SER A 248 20.15 -1.24 -7.67
C SER A 248 21.21 -1.93 -8.53
N LEU A 249 20.80 -2.71 -9.52
CA LEU A 249 21.71 -3.29 -10.51
C LEU A 249 21.95 -2.39 -11.70
N GLY A 250 21.38 -1.17 -11.70
CA GLY A 250 21.45 -0.29 -12.84
C GLY A 250 20.42 -0.56 -13.92
N LEU A 251 19.43 -1.39 -13.63
CA LEU A 251 18.45 -1.76 -14.65
C LEU A 251 17.23 -0.83 -14.63
N ASP A 252 16.69 -0.59 -15.83
CA ASP A 252 15.40 0.07 -15.96
C ASP A 252 14.29 -0.90 -15.55
N ASN A 253 13.15 -0.33 -15.15
CA ASN A 253 11.95 -1.11 -14.85
C ASN A 253 10.85 -0.67 -15.81
N GLN A 254 10.17 -1.65 -16.41
CA GLN A 254 8.94 -1.39 -17.15
C GLN A 254 7.83 -2.27 -16.61
N VAL A 255 6.65 -1.67 -16.49
CA VAL A 255 5.42 -2.42 -16.21
C VAL A 255 4.84 -2.79 -17.56
N THR A 256 4.80 -4.08 -17.86
CA THR A 256 4.62 -4.48 -19.25
C THR A 256 3.25 -5.06 -19.58
N GLU A 257 2.52 -5.63 -18.63
CA GLU A 257 1.27 -6.30 -18.97
C GLU A 257 0.21 -6.04 -17.91
N LEU A 258 0.10 -4.79 -17.44
CA LEU A 258 -0.72 -4.50 -16.27
C LEU A 258 -2.19 -4.81 -16.50
N ASP A 259 -2.77 -5.57 -15.57
CA ASP A 259 -4.22 -5.69 -15.50
C ASP A 259 -4.56 -6.05 -14.07
N MET A 260 -5.70 -5.59 -13.59
CA MET A 260 -6.08 -5.83 -12.20
C MET A 260 -7.39 -6.59 -12.17
N SER A 261 -7.29 -7.91 -11.98
CA SER A 261 -8.46 -8.76 -12.01
C SER A 261 -9.38 -8.46 -10.84
N LEU A 262 -10.68 -8.68 -11.06
CA LEU A 262 -11.65 -8.60 -9.97
C LEU A 262 -11.53 -9.76 -8.99
N TYR A 263 -10.79 -10.80 -9.33
CA TYR A 263 -10.83 -12.04 -8.56
C TYR A 263 -9.46 -12.34 -7.97
N GLY A 264 -9.41 -13.45 -7.24
CA GLY A 264 -8.17 -14.02 -6.76
C GLY A 264 -7.58 -14.95 -7.80
N TRP A 265 -6.70 -15.84 -7.34
CA TRP A 265 -6.10 -16.82 -8.21
C TRP A 265 -6.27 -18.19 -7.57
N PRO A 266 -6.87 -19.16 -8.26
CA PRO A 266 -7.49 -18.99 -9.58
C PRO A 266 -8.80 -18.19 -9.47
N PRO A 267 -9.28 -17.62 -10.59
CA PRO A 267 -10.43 -16.71 -10.58
C PRO A 267 -11.78 -17.43 -10.49
N THR A 268 -11.92 -18.29 -9.49
CA THR A 268 -13.16 -19.03 -9.29
C THR A 268 -14.24 -18.07 -8.79
N GLY A 269 -15.50 -18.42 -9.06
CA GLY A 269 -16.60 -17.56 -8.68
C GLY A 269 -16.69 -16.28 -9.46
N ALA A 270 -16.35 -16.31 -10.75
CA ALA A 270 -16.40 -15.10 -11.55
C ALA A 270 -17.83 -14.72 -11.89
N TYR A 271 -18.05 -13.42 -12.07
CA TYR A 271 -19.31 -12.93 -12.62
C TYR A 271 -19.42 -13.33 -14.10
N THR A 272 -20.65 -13.64 -14.52
CA THR A 272 -20.89 -14.04 -15.90
C THR A 272 -21.46 -12.90 -16.74
N SER A 273 -21.81 -11.78 -16.13
CA SER A 273 -22.29 -10.61 -16.82
C SER A 273 -21.67 -9.38 -16.19
N TYR A 274 -21.33 -8.39 -17.02
CA TYR A 274 -20.78 -7.14 -16.50
C TYR A 274 -21.79 -6.44 -15.59
N ASP A 275 -23.08 -6.63 -15.83
CA ASP A 275 -24.06 -5.96 -14.98
C ASP A 275 -24.16 -6.61 -13.60
N ASP A 276 -23.62 -7.80 -13.43
CA ASP A 276 -23.61 -8.42 -12.10
C ASP A 276 -22.49 -7.90 -11.22
N ILE A 277 -21.51 -7.17 -11.75
CA ILE A 277 -20.38 -6.73 -10.94
C ILE A 277 -20.82 -5.65 -9.95
N PRO A 278 -20.65 -5.86 -8.65
CA PRO A 278 -21.07 -4.82 -7.70
C PRO A 278 -20.20 -3.59 -7.83
N ALA A 279 -20.85 -2.42 -7.71
CA ALA A 279 -20.15 -1.15 -7.79
C ALA A 279 -19.02 -1.06 -6.79
N GLU A 280 -19.17 -1.66 -5.60
CA GLU A 280 -18.15 -1.57 -4.56
C GLU A 280 -16.90 -2.38 -4.91
N LEU A 281 -17.01 -3.34 -5.81
CA LEU A 281 -15.81 -4.01 -6.32
C LEU A 281 -15.02 -3.11 -7.25
N LEU A 282 -15.72 -2.42 -8.17
CA LEU A 282 -15.03 -1.45 -9.01
C LEU A 282 -14.45 -0.32 -8.18
N GLN A 283 -15.07 -0.01 -7.04
CA GLN A 283 -14.53 1.00 -6.14
C GLN A 283 -13.24 0.51 -5.49
N ALA A 284 -13.25 -0.73 -5.00
CA ALA A 284 -12.03 -1.32 -4.47
C ALA A 284 -10.92 -1.33 -5.52
N GLN A 285 -11.28 -1.64 -6.77
CA GLN A 285 -10.29 -1.60 -7.86
C GLN A 285 -9.75 -0.19 -8.07
N ALA A 286 -10.62 0.81 -8.02
CA ALA A 286 -10.18 2.20 -8.17
C ALA A 286 -9.24 2.61 -7.05
N ASP A 287 -9.53 2.19 -5.81
CA ASP A 287 -8.65 2.55 -4.70
C ASP A 287 -7.28 1.94 -4.90
N ARG A 288 -7.23 0.73 -5.46
CA ARG A 288 -5.95 0.06 -5.63
CA ARG A 288 -5.95 0.07 -5.63
C ARG A 288 -5.14 0.66 -6.77
N TYR A 289 -5.81 0.98 -7.89
CA TYR A 289 -5.11 1.63 -9.00
C TYR A 289 -4.55 2.97 -8.55
N ASP A 290 -5.29 3.69 -7.70
CA ASP A 290 -4.80 4.94 -7.16
C ASP A 290 -3.48 4.73 -6.44
N GLN A 291 -3.43 3.76 -5.52
CA GLN A 291 -2.21 3.49 -4.78
C GLN A 291 -1.09 3.02 -5.70
N LEU A 292 -1.43 2.18 -6.68
CA LEU A 292 -0.43 1.66 -7.60
C LEU A 292 0.25 2.78 -8.39
N PHE A 293 -0.54 3.65 -8.99
CA PHE A 293 0.02 4.70 -9.81
C PHE A 293 0.69 5.79 -8.98
N GLU A 294 0.31 5.96 -7.70
CA GLU A 294 1.09 6.84 -6.85
C GLU A 294 2.48 6.27 -6.59
N LEU A 295 2.56 4.95 -6.37
CA LEU A 295 3.86 4.29 -6.25
C LEU A 295 4.70 4.47 -7.50
N TYR A 296 4.08 4.27 -8.68
CA TYR A 296 4.80 4.50 -9.92
C TYR A 296 5.34 5.92 -10.00
N GLU A 297 4.52 6.89 -9.57
CA GLU A 297 4.97 8.28 -9.52
C GLU A 297 6.15 8.45 -8.58
N GLU A 298 6.09 7.82 -7.41
CA GLU A 298 7.21 7.90 -6.47
C GLU A 298 8.49 7.35 -7.10
N LEU A 299 8.35 6.28 -7.89
CA LEU A 299 9.49 5.62 -8.53
C LEU A 299 9.64 6.04 -9.98
N ALA A 300 9.08 7.19 -10.37
CA ALA A 300 9.08 7.56 -11.79
C ALA A 300 10.49 7.60 -12.38
N ALA A 301 11.49 7.96 -11.57
CA ALA A 301 12.85 7.99 -12.10
C ALA A 301 13.33 6.59 -12.47
N ASP A 302 12.71 5.54 -11.94
CA ASP A 302 13.16 4.18 -12.15
C ASP A 302 12.27 3.39 -13.10
N ILE A 303 11.24 4.00 -13.67
CA ILE A 303 10.25 3.33 -14.51
C ILE A 303 10.11 4.13 -15.80
N SER A 304 10.37 3.49 -16.93
CA SER A 304 10.28 4.22 -18.19
C SER A 304 8.92 4.09 -18.87
N SER A 305 8.12 3.10 -18.49
CA SER A 305 6.93 2.83 -19.29
C SER A 305 6.03 1.90 -18.51
N VAL A 306 4.72 2.16 -18.58
CA VAL A 306 3.69 1.34 -17.95
C VAL A 306 2.67 0.99 -19.03
N THR A 307 2.55 -0.30 -19.34
CA THR A 307 1.66 -0.77 -20.40
C THR A 307 0.57 -1.65 -19.77
N PHE A 308 -0.69 -1.36 -20.12
CA PHE A 308 -1.81 -2.24 -19.76
C PHE A 308 -1.95 -3.36 -20.79
N TRP A 309 -2.32 -4.57 -20.33
CA TRP A 309 -2.45 -5.70 -21.24
C TRP A 309 -3.83 -5.71 -21.92
N GLY A 310 -4.14 -4.59 -22.57
CA GLY A 310 -5.43 -4.41 -23.21
C GLY A 310 -5.88 -2.96 -23.11
N ILE A 311 -7.02 -2.65 -23.73
CA ILE A 311 -7.53 -1.29 -23.79
C ILE A 311 -8.71 -1.12 -22.84
N ALA A 312 -9.82 -1.80 -23.14
CA ALA A 312 -11.03 -1.71 -22.33
C ALA A 312 -11.52 -3.12 -22.00
N ASP A 313 -12.44 -3.21 -21.03
CA ASP A 313 -12.79 -4.50 -20.42
C ASP A 313 -13.43 -5.49 -21.38
N ASN A 314 -13.88 -5.04 -22.54
CA ASN A 314 -14.47 -5.96 -23.51
C ASN A 314 -13.43 -6.83 -24.22
N HIS A 315 -12.13 -6.60 -24.01
CA HIS A 315 -11.12 -7.48 -24.59
C HIS A 315 -9.97 -7.63 -23.59
N THR A 316 -9.88 -8.80 -22.97
CA THR A 316 -8.81 -9.11 -22.03
C THR A 316 -8.69 -10.63 -21.90
N TRP A 317 -7.44 -11.11 -21.92
CA TRP A 317 -7.22 -12.55 -21.70
C TRP A 317 -7.76 -13.02 -20.36
N LEU A 318 -8.01 -12.10 -19.42
CA LEU A 318 -8.60 -12.47 -18.14
C LEU A 318 -10.02 -13.04 -18.30
N ASP A 319 -10.71 -12.68 -19.38
CA ASP A 319 -11.98 -13.36 -19.67
C ASP A 319 -11.76 -14.85 -19.87
N GLY A 320 -10.75 -15.21 -20.66
CA GLY A 320 -10.46 -16.63 -20.88
C GLY A 320 -10.06 -17.36 -19.61
N ARG A 321 -9.28 -16.69 -18.76
CA ARG A 321 -8.92 -17.29 -17.48
C ARG A 321 -10.14 -17.52 -16.62
N ALA A 322 -11.04 -16.54 -16.55
CA ALA A 322 -12.29 -16.74 -15.81
C ALA A 322 -13.03 -17.94 -16.35
N ARG A 323 -13.12 -18.04 -17.68
CA ARG A 323 -13.84 -19.15 -18.29
CA ARG A 323 -13.85 -19.15 -18.28
C ARG A 323 -13.16 -20.48 -18.02
N GLU A 324 -11.83 -20.50 -18.03
CA GLU A 324 -11.09 -21.74 -17.76
C GLU A 324 -11.40 -22.28 -16.36
N TYR A 325 -11.67 -21.40 -15.40
CA TYR A 325 -11.87 -21.84 -14.02
C TYR A 325 -13.33 -21.78 -13.57
N ASN A 326 -14.27 -21.52 -14.46
CA ASN A 326 -15.68 -21.43 -14.11
C ASN A 326 -16.55 -22.17 -15.13
N ASN A 327 -16.04 -23.30 -15.63
CA ASN A 327 -16.79 -24.18 -16.53
C ASN A 327 -17.20 -23.46 -17.82
N GLY A 328 -16.32 -22.63 -18.35
CA GLY A 328 -16.53 -22.06 -19.66
C GLY A 328 -17.22 -20.72 -19.70
N VAL A 329 -17.65 -20.18 -18.55
CA VAL A 329 -18.38 -18.92 -18.52
C VAL A 329 -17.70 -17.99 -17.52
N GLY A 330 -17.85 -16.71 -17.73
CA GLY A 330 -17.31 -15.71 -16.81
C GLY A 330 -16.62 -14.59 -17.57
N ILE A 331 -16.60 -13.41 -16.95
CA ILE A 331 -15.88 -12.26 -17.49
C ILE A 331 -15.02 -11.67 -16.39
N ASP A 332 -14.09 -10.82 -16.80
CA ASP A 332 -13.27 -10.04 -15.88
C ASP A 332 -13.27 -8.61 -16.41
N ALA A 333 -12.90 -7.66 -15.54
CA ALA A 333 -13.05 -6.23 -15.85
C ALA A 333 -11.85 -5.49 -15.26
N PRO A 334 -10.69 -5.59 -15.91
CA PRO A 334 -9.44 -5.22 -15.24
C PRO A 334 -8.86 -3.84 -15.55
N PHE A 335 -9.50 -3.02 -16.39
CA PHE A 335 -8.90 -1.79 -16.88
C PHE A 335 -9.57 -0.56 -16.26
N VAL A 336 -9.19 0.64 -16.72
CA VAL A 336 -9.86 1.86 -16.28
C VAL A 336 -10.99 2.26 -17.21
N PHE A 337 -11.18 1.52 -18.31
CA PHE A 337 -12.26 1.74 -19.27
C PHE A 337 -13.11 0.48 -19.33
N ASP A 338 -14.44 0.62 -19.23
CA ASP A 338 -15.30 -0.54 -19.07
C ASP A 338 -15.69 -1.11 -20.43
N HIS A 339 -16.53 -2.14 -20.39
CA HIS A 339 -16.80 -2.92 -21.59
C HIS A 339 -17.55 -2.11 -22.65
N ASN A 340 -18.20 -1.02 -22.26
CA ASN A 340 -18.83 -0.08 -23.18
C ASN A 340 -17.95 1.12 -23.52
N TYR A 341 -16.67 1.08 -23.13
CA TYR A 341 -15.73 2.19 -23.30
C TYR A 341 -16.04 3.40 -22.40
N ARG A 342 -16.88 3.23 -21.39
CA ARG A 342 -17.09 4.31 -20.42
C ARG A 342 -16.02 4.27 -19.33
N VAL A 343 -15.60 5.45 -18.87
CA VAL A 343 -14.59 5.47 -17.81
C VAL A 343 -15.15 4.84 -16.55
N LYS A 344 -14.29 4.20 -15.79
CA LYS A 344 -14.61 3.58 -14.53
C LYS A 344 -14.11 4.45 -13.39
N PRO A 345 -14.51 4.16 -12.14
CA PRO A 345 -13.93 4.88 -10.99
C PRO A 345 -12.42 4.93 -11.02
N ALA A 346 -11.78 3.86 -11.52
CA ALA A 346 -10.33 3.80 -11.53
C ALA A 346 -9.71 4.85 -12.43
N TYR A 347 -10.38 5.19 -13.55
CA TYR A 347 -9.83 6.23 -14.41
C TYR A 347 -9.67 7.53 -13.62
N TRP A 348 -10.72 7.95 -12.91
CA TRP A 348 -10.65 9.22 -12.21
C TRP A 348 -9.56 9.23 -11.16
N ARG A 349 -9.30 8.07 -10.55
CA ARG A 349 -8.33 7.98 -9.47
C ARG A 349 -6.89 7.82 -9.96
N ILE A 350 -6.63 7.71 -11.26
CA ILE A 350 -5.27 7.77 -11.77
C ILE A 350 -5.03 8.93 -12.71
N ILE A 351 -6.06 9.69 -13.07
CA ILE A 351 -5.86 10.89 -13.88
C ILE A 351 -5.62 12.13 -13.00
N ASP A 352 -6.05 12.11 -11.73
CA ASP A 352 -5.89 13.29 -10.88
C ASP A 352 -4.42 13.45 -10.49
N LEU A 353 -4.13 14.54 -9.77
CA LEU A 353 -2.77 14.90 -9.44
C LEU A 353 -2.68 15.10 -7.93
N GLU A 354 -1.85 14.30 -7.29
CA GLU A 354 -1.63 14.35 -5.85
C GLU A 354 -0.15 14.60 -5.61
N HIS A 355 0.16 15.46 -4.63
CA HIS A 355 1.55 15.78 -4.37
C HIS A 355 2.15 15.00 -3.20
N HIS A 356 1.38 14.76 -2.15
CA HIS A 356 1.85 14.03 -0.99
C HIS A 356 1.47 12.56 -1.14
N HIS A 357 2.45 11.71 -1.40
CA HIS A 357 2.22 10.27 -1.59
C HIS A 357 2.39 9.58 -0.25
N HIS A 358 1.31 9.01 0.28
CA HIS A 358 1.38 8.27 1.52
C HIS A 358 1.72 6.81 1.22
N HIS A 359 2.41 6.18 2.17
CA HIS A 359 2.63 4.75 2.09
C HIS A 359 2.97 4.22 3.47
N HIS A 360 2.90 2.91 3.61
N HIS A 360 2.90 2.90 3.62
CA HIS A 360 3.28 2.21 4.84
CA HIS A 360 3.23 2.22 4.86
C HIS A 360 4.74 2.48 5.21
C HIS A 360 4.65 2.50 5.31
N ASP B 3 -32.70 6.90 2.76
CA ASP B 3 -31.78 6.27 3.69
C ASP B 3 -30.31 6.50 3.30
N GLN B 4 -29.47 6.71 4.31
CA GLN B 4 -28.09 7.09 4.06
C GLN B 4 -27.34 5.94 3.40
N PRO B 5 -26.45 6.23 2.45
CA PRO B 5 -25.63 5.18 1.84
C PRO B 5 -24.65 4.58 2.82
N PHE B 6 -24.11 3.42 2.46
CA PHE B 6 -23.11 2.76 3.27
C PHE B 6 -21.74 3.41 3.09
N ALA B 7 -20.85 3.14 4.05
CA ALA B 7 -19.51 3.74 4.04
C ALA B 7 -18.74 3.36 2.78
N TRP B 8 -18.95 2.15 2.25
CA TRP B 8 -18.23 1.71 1.04
C TRP B 8 -18.84 2.25 -0.24
N GLN B 9 -19.85 3.12 -0.13
CA GLN B 9 -20.50 3.71 -1.30
C GLN B 9 -20.21 5.18 -1.47
N VAL B 10 -19.35 5.77 -0.62
CA VAL B 10 -19.14 7.21 -0.59
C VAL B 10 -17.66 7.52 -0.72
N ALA B 11 -17.36 8.78 -1.00
CA ALA B 11 -15.98 9.20 -1.27
C ALA B 11 -15.09 8.99 -0.04
N SER B 12 -13.83 8.64 -0.31
CA SER B 12 -12.85 8.29 0.71
C SER B 12 -12.42 9.52 1.52
N LEU B 13 -12.44 9.36 2.85
CA LEU B 13 -11.95 10.42 3.74
C LEU B 13 -10.45 10.65 3.55
N SER B 14 -9.66 9.58 3.51
CA SER B 14 -8.21 9.77 3.42
C SER B 14 -7.84 10.49 2.13
N GLU B 15 -8.54 10.19 1.03
CA GLU B 15 -8.30 10.90 -0.21
C GLU B 15 -8.59 12.39 -0.07
N ARG B 16 -9.69 12.73 0.59
CA ARG B 16 -10.08 14.13 0.75
C ARG B 16 -9.01 14.93 1.50
N TYR B 17 -8.29 14.29 2.41
CA TYR B 17 -7.32 14.97 3.26
C TYR B 17 -5.87 14.61 2.94
N GLN B 18 -5.63 13.95 1.79
CA GLN B 18 -4.31 13.39 1.50
C GLN B 18 -3.19 14.43 1.51
N GLU B 19 -3.50 15.66 1.09
CA GLU B 19 -2.46 16.69 1.05
C GLU B 19 -2.25 17.37 2.40
N GLN B 20 -3.05 17.02 3.41
CA GLN B 20 -3.06 17.74 4.68
C GLN B 20 -2.62 16.90 5.86
N PHE B 21 -3.14 15.68 6.01
CA PHE B 21 -2.70 14.78 7.08
C PHE B 21 -3.25 13.39 6.82
N ASP B 22 -2.60 12.39 7.41
CA ASP B 22 -3.15 11.03 7.38
C ASP B 22 -4.53 11.01 8.03
N ILE B 23 -5.37 10.08 7.59
CA ILE B 23 -6.65 9.78 8.25
C ILE B 23 -6.55 8.35 8.75
N GLY B 24 -6.56 8.18 10.08
CA GLY B 24 -6.33 6.89 10.70
C GLY B 24 -7.53 6.37 11.48
N ALA B 25 -7.48 5.07 11.81
CA ALA B 25 -8.48 4.42 12.65
C ALA B 25 -7.80 3.46 13.62
N ALA B 26 -8.28 3.43 14.86
CA ALA B 26 -7.89 2.38 15.80
C ALA B 26 -8.65 1.10 15.53
N VAL B 27 -7.93 -0.03 15.58
CA VAL B 27 -8.49 -1.32 15.21
C VAL B 27 -8.06 -2.39 16.21
N GLU B 28 -8.86 -3.45 16.27
CA GLU B 28 -8.59 -4.74 16.87
C GLU B 28 -8.33 -5.78 15.77
N PRO B 29 -7.53 -6.81 16.05
CA PRO B 29 -7.24 -7.80 15.00
C PRO B 29 -8.47 -8.47 14.41
N TYR B 30 -9.54 -8.66 15.19
CA TYR B 30 -10.75 -9.29 14.65
C TYR B 30 -11.57 -8.37 13.76
N GLN B 31 -11.20 -7.10 13.61
CA GLN B 31 -11.86 -6.21 12.69
C GLN B 31 -11.21 -6.20 11.30
N LEU B 32 -10.19 -7.02 11.09
CA LEU B 32 -9.43 -6.98 9.86
C LEU B 32 -10.00 -7.91 8.80
N GLU B 33 -11.31 -8.13 8.83
CA GLU B 33 -12.03 -8.91 7.83
C GLU B 33 -13.40 -8.26 7.65
N GLY B 34 -14.07 -8.62 6.55
CA GLY B 34 -15.45 -8.23 6.40
C GLY B 34 -15.65 -6.75 6.05
N ARG B 35 -16.80 -6.23 6.46
CA ARG B 35 -17.12 -4.83 6.17
C ARG B 35 -16.10 -3.87 6.77
N GLN B 36 -15.64 -4.15 7.99
CA GLN B 36 -14.73 -3.20 8.64
C GLN B 36 -13.40 -3.10 7.87
N ALA B 37 -12.87 -4.25 7.43
CA ALA B 37 -11.69 -4.22 6.58
C ALA B 37 -11.96 -3.48 5.28
N GLN B 38 -13.15 -3.69 4.69
CA GLN B 38 -13.51 -2.98 3.47
C GLN B 38 -13.51 -1.46 3.69
N ILE B 39 -14.06 -1.02 4.82
CA ILE B 39 -14.11 0.41 5.13
C ILE B 39 -12.71 0.95 5.41
N LEU B 40 -11.89 0.18 6.14
CA LEU B 40 -10.51 0.60 6.43
C LEU B 40 -9.74 0.86 5.15
N LYS B 41 -9.83 -0.06 4.19
CA LYS B 41 -9.01 0.05 2.99
C LYS B 41 -9.44 1.24 2.13
N HIS B 42 -10.71 1.63 2.21
CA HIS B 42 -11.22 2.68 1.34
C HIS B 42 -11.04 4.07 1.96
N HIS B 43 -11.21 4.20 3.28
CA HIS B 43 -11.32 5.50 3.91
C HIS B 43 -10.09 5.94 4.68
N TYR B 44 -9.18 5.02 5.04
CA TYR B 44 -8.10 5.36 5.94
C TYR B 44 -6.75 5.01 5.33
N ASN B 45 -5.73 5.82 5.62
CA ASN B 45 -4.38 5.47 5.18
C ASN B 45 -3.44 5.36 6.36
N SER B 46 -3.98 5.14 7.55
CA SER B 46 -3.21 5.00 8.78
C SER B 46 -4.00 4.14 9.76
N LEU B 47 -3.28 3.36 10.58
CA LEU B 47 -3.86 2.45 11.55
C LEU B 47 -3.16 2.59 12.89
N VAL B 48 -3.87 2.23 13.96
CA VAL B 48 -3.26 2.12 15.28
C VAL B 48 -4.01 1.00 16.00
N ALA B 49 -3.29 0.29 16.86
CA ALA B 49 -3.88 -0.82 17.62
C ALA B 49 -4.61 -0.25 18.82
N GLU B 50 -5.91 -0.55 18.92
CA GLU B 50 -6.70 -0.06 20.05
C GLU B 50 -6.18 -0.61 21.36
N ASN B 51 -5.71 -1.86 21.36
CA ASN B 51 -5.27 -2.55 22.56
C ASN B 51 -4.06 -3.47 22.37
N ALA B 52 -3.83 -4.02 21.18
CA ALA B 52 -2.91 -5.15 21.03
C ALA B 52 -1.44 -4.77 21.22
N MET B 53 -1.08 -3.48 21.27
CA MET B 53 0.31 -3.08 21.41
C MET B 53 0.60 -2.39 22.73
N LYS B 54 -0.35 -2.42 23.66
CA LYS B 54 -0.14 -1.87 24.99
C LYS B 54 0.79 -2.79 25.78
N PRO B 55 1.45 -2.27 26.81
CA PRO B 55 2.47 -3.08 27.50
C PRO B 55 1.95 -4.41 28.04
N GLU B 56 0.80 -4.41 28.71
CA GLU B 56 0.28 -5.67 29.23
C GLU B 56 -0.15 -6.61 28.11
N SER B 57 -0.53 -6.05 26.95
CA SER B 57 -0.90 -6.90 25.82
C SER B 57 0.32 -7.62 25.26
N LEU B 58 1.46 -6.93 25.20
CA LEU B 58 2.64 -7.48 24.54
C LEU B 58 3.51 -8.32 25.48
N GLN B 59 3.68 -7.91 26.73
CA GLN B 59 4.51 -8.64 27.69
C GLN B 59 3.75 -8.84 28.99
N PRO B 60 2.68 -9.66 28.98
CA PRO B 60 1.83 -9.78 30.18
C PRO B 60 2.55 -10.41 31.35
N ARG B 61 3.55 -11.25 31.11
CA ARG B 61 4.48 -11.69 32.13
C ARG B 61 5.88 -11.53 31.57
N GLU B 62 6.86 -11.47 32.47
CA GLU B 62 8.22 -11.16 32.04
C GLU B 62 8.74 -12.26 31.13
N GLY B 63 9.14 -11.88 29.91
CA GLY B 63 9.63 -12.81 28.92
C GLY B 63 8.55 -13.56 28.17
N GLU B 64 7.29 -13.37 28.49
CA GLU B 64 6.19 -13.97 27.75
C GLU B 64 5.71 -12.92 26.76
N TRP B 65 6.12 -13.06 25.51
CA TRP B 65 5.79 -12.09 24.47
C TRP B 65 4.59 -12.60 23.69
N ASN B 66 3.55 -11.78 23.63
CA ASN B 66 2.30 -12.10 22.94
C ASN B 66 2.19 -11.23 21.70
N TRP B 67 2.85 -11.67 20.62
CA TRP B 67 2.98 -10.87 19.42
C TRP B 67 1.85 -11.05 18.42
N GLU B 68 1.05 -12.11 18.57
CA GLU B 68 0.15 -12.54 17.49
CA GLU B 68 0.16 -12.53 17.48
C GLU B 68 -0.80 -11.43 17.07
N GLY B 69 -1.55 -10.86 18.03
CA GLY B 69 -2.50 -9.82 17.69
C GLY B 69 -1.84 -8.60 17.06
N ALA B 70 -0.75 -8.13 17.68
CA ALA B 70 -0.03 -6.99 17.13
C ALA B 70 0.51 -7.31 15.74
N ASP B 71 1.11 -8.49 15.56
CA ASP B 71 1.67 -8.86 14.27
C ASP B 71 0.61 -8.84 13.17
N LYS B 72 -0.62 -9.25 13.50
CA LYS B 72 -1.67 -9.27 12.49
C LYS B 72 -2.00 -7.85 12.02
N ILE B 73 -1.99 -6.88 12.94
CA ILE B 73 -2.25 -5.50 12.55
C ILE B 73 -1.09 -4.97 11.71
N VAL B 74 0.14 -5.28 12.10
CA VAL B 74 1.30 -4.90 11.29
C VAL B 74 1.21 -5.49 9.90
N GLU B 75 0.91 -6.80 9.81
CA GLU B 75 0.84 -7.44 8.51
C GLU B 75 -0.28 -6.86 7.65
N PHE B 76 -1.40 -6.50 8.28
CA PHE B 76 -2.50 -5.87 7.53
C PHE B 76 -2.08 -4.49 7.01
N ALA B 77 -1.42 -3.70 7.86
CA ALA B 77 -0.95 -2.39 7.41
C ALA B 77 0.07 -2.53 6.28
N ARG B 78 1.00 -3.48 6.42
CA ARG B 78 1.94 -3.79 5.35
C ARG B 78 1.22 -4.17 4.07
N LYS B 79 0.26 -5.09 4.17
CA LYS B 79 -0.42 -5.63 3.00
C LYS B 79 -1.25 -4.57 2.29
N HIS B 80 -1.83 -3.61 3.02
CA HIS B 80 -2.75 -2.65 2.42
C HIS B 80 -2.18 -1.23 2.44
N ASN B 81 -0.87 -1.10 2.60
CA ASN B 81 -0.16 0.15 2.40
C ASN B 81 -0.66 1.27 3.33
N MET B 82 -0.90 0.92 4.59
CA MET B 82 -1.31 1.91 5.57
C MET B 82 -0.18 2.21 6.53
N GLU B 83 0.02 3.50 6.81
CA GLU B 83 0.90 3.90 7.90
C GLU B 83 0.41 3.32 9.22
N LEU B 84 1.33 3.14 10.16
CA LEU B 84 1.05 2.57 11.46
C LEU B 84 1.61 3.47 12.57
N ARG B 85 0.76 3.84 13.51
CA ARG B 85 1.21 4.42 14.78
C ARG B 85 1.33 3.30 15.80
N PHE B 86 2.29 3.43 16.70
CA PHE B 86 2.44 2.47 17.79
C PHE B 86 1.88 3.07 19.06
N HIS B 87 0.88 2.39 19.63
CA HIS B 87 0.27 2.77 20.90
C HIS B 87 0.33 1.56 21.81
N THR B 88 1.06 1.65 22.92
CA THR B 88 1.86 2.77 23.38
C THR B 88 2.96 2.14 24.21
N LEU B 89 4.13 2.79 24.30
CA LEU B 89 5.26 2.12 24.92
C LEU B 89 5.13 2.12 26.44
N VAL B 90 4.64 3.21 27.03
CA VAL B 90 4.63 3.39 28.48
C VAL B 90 3.30 4.04 28.88
N TRP B 91 2.61 3.44 29.83
CA TRP B 91 1.33 3.95 30.32
C TRP B 91 1.12 3.41 31.72
N HIS B 92 0.31 4.11 32.51
CA HIS B 92 -0.03 3.66 33.86
C HIS B 92 -1.21 2.70 33.88
N SER B 93 -1.85 2.47 32.75
CA SER B 93 -2.94 1.51 32.64
C SER B 93 -2.59 0.48 31.59
N GLN B 94 -3.24 -0.68 31.65
CA GLN B 94 -2.93 -1.81 30.80
C GLN B 94 -1.41 -2.01 30.73
N VAL B 95 -0.81 -1.99 31.91
CA VAL B 95 0.62 -2.18 32.10
C VAL B 95 0.78 -3.33 33.09
N PRO B 96 1.66 -4.30 32.83
CA PRO B 96 1.70 -5.51 33.68
C PRO B 96 2.22 -5.19 35.08
N GLU B 97 1.57 -5.80 36.09
CA GLU B 97 1.95 -5.50 37.46
C GLU B 97 3.38 -5.94 37.76
N TRP B 98 3.88 -6.96 37.06
CA TRP B 98 5.21 -7.49 37.37
C TRP B 98 6.32 -6.45 37.18
N PHE B 99 6.08 -5.41 36.38
CA PHE B 99 7.07 -4.34 36.22
C PHE B 99 7.48 -3.75 37.56
N PHE B 100 6.52 -3.63 38.49
CA PHE B 100 6.68 -2.83 39.69
C PHE B 100 6.90 -3.70 40.94
N ILE B 101 7.25 -4.97 40.73
CA ILE B 101 7.56 -5.91 41.80
C ILE B 101 9.06 -6.17 41.77
N ASP B 102 9.71 -6.09 42.93
CA ASP B 102 11.15 -6.29 42.95
C ASP B 102 11.48 -7.78 42.93
N GLU B 103 12.79 -8.10 42.92
CA GLU B 103 13.18 -9.48 42.71
C GLU B 103 12.94 -10.35 43.94
N ASP B 104 12.60 -9.75 45.08
CA ASP B 104 12.15 -10.48 46.26
C ASP B 104 10.64 -10.66 46.31
N GLY B 105 9.91 -10.17 45.32
CA GLY B 105 8.47 -10.30 45.29
C GLY B 105 7.70 -9.20 46.00
N ASN B 106 8.35 -8.12 46.42
CA ASN B 106 7.68 -7.03 47.11
C ASN B 106 7.38 -5.87 46.15
N ARG B 107 6.35 -5.09 46.51
CA ARG B 107 5.90 -3.97 45.70
C ARG B 107 6.84 -2.78 45.85
N MET B 108 7.34 -2.27 44.72
CA MET B 108 8.31 -1.19 44.77
C MET B 108 7.74 0.08 45.38
N VAL B 109 6.46 0.37 45.15
CA VAL B 109 5.90 1.62 45.66
C VAL B 109 5.92 1.65 47.17
N ASP B 110 5.94 0.48 47.82
CA ASP B 110 5.91 0.38 49.27
C ASP B 110 7.30 0.48 49.91
N GLU B 111 8.36 0.43 49.11
CA GLU B 111 9.70 0.40 49.69
C GLU B 111 10.01 1.70 50.40
N THR B 112 10.56 1.58 51.62
CA THR B 112 10.91 2.74 52.43
C THR B 112 12.41 3.00 52.52
N ASP B 113 13.24 1.98 52.36
CA ASP B 113 14.69 2.20 52.44
C ASP B 113 15.15 2.98 51.22
N PRO B 114 15.84 4.11 51.41
CA PRO B 114 16.21 4.95 50.25
C PRO B 114 17.13 4.25 49.26
N ASP B 115 18.04 3.42 49.74
CA ASP B 115 18.96 2.75 48.83
C ASP B 115 18.26 1.67 48.02
N LYS B 116 17.34 0.93 48.65
CA LYS B 116 16.53 -0.03 47.90
C LYS B 116 15.61 0.68 46.92
N ARG B 117 15.10 1.86 47.29
CA ARG B 117 14.30 2.64 46.35
C ARG B 117 15.11 3.02 45.12
N GLU B 118 16.38 3.36 45.30
CA GLU B 118 17.24 3.67 44.16
C GLU B 118 17.51 2.41 43.32
N ALA B 119 17.70 1.26 43.97
CA ALA B 119 17.83 0.03 43.22
C ALA B 119 16.55 -0.30 42.46
N ASN B 120 15.39 -0.12 43.10
CA ASN B 120 14.12 -0.36 42.42
C ASN B 120 13.97 0.57 41.21
N LYS B 121 14.40 1.81 41.35
CA LYS B 121 14.35 2.72 40.23
C LYS B 121 15.16 2.20 39.06
N GLN B 122 16.36 1.67 39.33
CA GLN B 122 17.19 1.14 38.25
CA GLN B 122 17.19 1.14 38.25
C GLN B 122 16.56 -0.11 37.63
N LEU B 123 16.02 -1.00 38.46
CA LEU B 123 15.40 -2.21 37.93
C LEU B 123 14.22 -1.88 37.04
N LEU B 124 13.34 -0.97 37.51
CA LEU B 124 12.17 -0.61 36.70
C LEU B 124 12.59 0.03 35.39
N LEU B 125 13.54 0.98 35.45
CA LEU B 125 14.01 1.62 34.21
C LEU B 125 14.61 0.60 33.26
N GLU B 126 15.35 -0.38 33.78
CA GLU B 126 15.93 -1.38 32.88
C GLU B 126 14.86 -2.29 32.28
N ARG B 127 13.82 -2.62 33.04
CA ARG B 127 12.73 -3.41 32.47
C ARG B 127 12.02 -2.62 31.38
N MET B 128 11.81 -1.32 31.62
CA MET B 128 11.16 -0.48 30.63
C MET B 128 12.03 -0.35 29.40
N GLU B 129 13.34 -0.12 29.59
CA GLU B 129 14.27 -0.06 28.47
C GLU B 129 14.21 -1.33 27.63
N ASN B 130 14.20 -2.49 28.28
CA ASN B 130 14.19 -3.75 27.55
C ASN B 130 12.88 -3.97 26.83
N HIS B 131 11.78 -3.53 27.42
CA HIS B 131 10.49 -3.61 26.75
C HIS B 131 10.49 -2.76 25.49
N ILE B 132 10.97 -1.52 25.61
CA ILE B 132 11.04 -0.64 24.45
C ILE B 132 11.99 -1.21 23.41
N LYS B 133 13.17 -1.65 23.84
CA LYS B 133 14.15 -2.18 22.88
C LYS B 133 13.56 -3.36 22.10
N THR B 134 12.92 -4.30 22.81
CA THR B 134 12.42 -5.49 22.13
C THR B 134 11.33 -5.13 21.12
N VAL B 135 10.42 -4.25 21.54
CA VAL B 135 9.28 -3.88 20.69
C VAL B 135 9.74 -3.04 19.52
N VAL B 136 10.59 -2.04 19.78
CA VAL B 136 11.08 -1.17 18.71
C VAL B 136 11.90 -1.98 17.71
N GLU B 137 12.73 -2.90 18.18
CA GLU B 137 13.51 -3.69 17.23
C GLU B 137 12.62 -4.55 16.35
N ARG B 138 11.47 -5.00 16.87
CA ARG B 138 10.60 -5.83 16.06
C ARG B 138 9.80 -5.02 15.04
N TYR B 139 9.35 -3.83 15.40
CA TYR B 139 8.42 -3.09 14.55
C TYR B 139 9.04 -1.83 13.93
N LYS B 140 10.32 -1.56 14.22
CA LYS B 140 11.10 -0.46 13.67
CA LYS B 140 11.10 -0.46 13.67
C LYS B 140 10.74 -0.11 12.22
N ASP B 141 10.76 -1.10 11.35
CA ASP B 141 10.59 -0.87 9.93
C ASP B 141 9.13 -0.78 9.51
N ASP B 142 8.18 -0.83 10.44
CA ASP B 142 6.79 -0.81 10.07
C ASP B 142 6.00 0.33 10.70
N VAL B 143 6.56 1.00 11.70
CA VAL B 143 5.88 2.05 12.45
C VAL B 143 6.44 3.40 12.03
N THR B 144 5.56 4.39 11.87
CA THR B 144 5.97 5.75 11.54
CA THR B 144 6.00 5.75 11.56
C THR B 144 5.92 6.70 12.74
N SER B 145 4.93 6.55 13.61
CA SER B 145 4.79 7.38 14.81
C SER B 145 4.69 6.49 16.03
N TRP B 146 5.38 6.87 17.12
CA TRP B 146 5.36 6.13 18.38
C TRP B 146 4.74 7.00 19.49
N ASP B 147 3.70 6.49 20.15
CA ASP B 147 3.24 7.02 21.44
C ASP B 147 4.19 6.48 22.51
N VAL B 148 5.23 7.24 22.82
CA VAL B 148 6.28 6.73 23.71
C VAL B 148 5.81 6.72 25.16
N VAL B 149 5.23 7.80 25.63
CA VAL B 149 4.57 7.82 26.94
C VAL B 149 3.14 8.33 26.76
N ASN B 150 2.25 7.88 27.65
CA ASN B 150 0.81 8.18 27.55
C ASN B 150 0.33 8.69 28.89
N GLU B 151 -0.36 9.86 28.88
CA GLU B 151 -1.09 10.38 30.05
C GLU B 151 -0.21 10.62 31.26
N VAL B 152 0.92 11.32 31.07
CA VAL B 152 1.81 11.54 32.20
C VAL B 152 1.51 12.82 32.98
N ILE B 153 0.58 13.66 32.49
CA ILE B 153 0.19 14.89 33.19
C ILE B 153 -1.09 14.60 33.98
N ASP B 154 -1.15 15.13 35.20
CA ASP B 154 -2.34 14.98 36.04
C ASP B 154 -3.37 16.07 35.73
N ASP B 155 -4.64 15.68 35.72
CA ASP B 155 -5.72 16.65 35.48
C ASP B 155 -5.78 17.68 36.59
N GLY B 156 -5.43 17.32 37.80
CA GLY B 156 -5.41 18.30 38.89
C GLY B 156 -4.16 19.16 38.96
N GLY B 157 -3.24 19.01 38.03
CA GLY B 157 -2.03 19.83 38.06
C GLY B 157 -0.79 18.98 38.33
N GLY B 158 0.29 19.33 37.63
CA GLY B 158 1.55 18.61 37.80
C GLY B 158 1.58 17.27 37.09
N LEU B 159 2.53 16.45 37.52
CA LEU B 159 2.71 15.12 36.93
C LEU B 159 1.76 14.11 37.56
N ARG B 160 1.29 13.17 36.75
CA ARG B 160 0.52 12.06 37.26
C ARG B 160 1.38 11.22 38.18
N GLU B 161 0.93 11.04 39.42
CA GLU B 161 1.72 10.31 40.41
C GLU B 161 1.40 8.81 40.33
N SER B 162 1.61 8.27 39.13
CA SER B 162 1.50 6.85 38.86
C SER B 162 2.68 6.11 39.49
N GLU B 163 2.64 4.77 39.40
CA GLU B 163 3.76 3.97 39.89
C GLU B 163 5.05 4.36 39.18
N TRP B 164 4.96 4.65 37.88
CA TRP B 164 6.13 5.10 37.11
C TRP B 164 6.79 6.31 37.77
N TYR B 165 5.98 7.30 38.13
CA TYR B 165 6.48 8.52 38.74
C TYR B 165 6.90 8.28 40.19
N GLN B 166 6.11 7.50 40.94
CA GLN B 166 6.47 7.25 42.34
C GLN B 166 7.81 6.56 42.46
N ILE B 167 8.15 5.70 41.50
CA ILE B 167 9.38 4.91 41.59
C ILE B 167 10.57 5.63 40.93
N THR B 168 10.33 6.40 39.85
CA THR B 168 11.41 6.96 39.05
C THR B 168 11.35 8.47 38.88
N GLY B 169 10.33 9.15 39.39
CA GLY B 169 10.19 10.57 39.09
C GLY B 169 9.90 10.79 37.61
N THR B 170 10.56 11.78 37.03
CA THR B 170 10.43 12.04 35.59
C THR B 170 11.40 11.21 34.75
N ASP B 171 12.27 10.43 35.39
CA ASP B 171 13.29 9.70 34.64
C ASP B 171 12.68 8.66 33.71
N TYR B 172 11.52 8.08 34.05
CA TYR B 172 10.94 7.11 33.12
C TYR B 172 10.59 7.77 31.79
N ILE B 173 10.18 9.04 31.83
CA ILE B 173 9.87 9.74 30.59
C ILE B 173 11.15 10.00 29.81
N LYS B 174 12.19 10.52 30.48
CA LYS B 174 13.45 10.78 29.80
C LYS B 174 14.00 9.52 29.16
N VAL B 175 14.00 8.42 29.93
CA VAL B 175 14.61 7.18 29.45
C VAL B 175 13.77 6.55 28.34
N ALA B 176 12.44 6.66 28.44
CA ALA B 176 11.59 6.07 27.40
C ALA B 176 11.90 6.69 26.04
N PHE B 177 11.97 8.02 26.01
CA PHE B 177 12.25 8.70 24.74
C PHE B 177 13.68 8.42 24.26
N GLU B 178 14.67 8.48 25.16
CA GLU B 178 16.05 8.17 24.76
CA GLU B 178 16.03 8.18 24.73
C GLU B 178 16.16 6.76 24.19
N THR B 179 15.48 5.80 24.82
CA THR B 179 15.56 4.41 24.36
C THR B 179 14.88 4.23 23.01
N ALA B 180 13.68 4.80 22.86
CA ALA B 180 12.98 4.70 21.58
C ALA B 180 13.79 5.33 20.45
N ARG B 181 14.41 6.48 20.73
CA ARG B 181 15.29 7.12 19.76
C ARG B 181 16.51 6.25 19.47
N LYS B 182 17.14 5.72 20.52
CA LYS B 182 18.33 4.90 20.34
C LYS B 182 18.06 3.71 19.42
N TYR B 183 17.00 2.95 19.70
CA TYR B 183 16.74 1.77 18.88
C TYR B 183 15.87 2.05 17.67
N GLY B 184 15.19 3.20 17.63
CA GLY B 184 14.35 3.49 16.49
C GLY B 184 15.07 4.27 15.41
N GLY B 185 16.19 4.89 15.77
CA GLY B 185 16.93 5.74 14.86
C GLY B 185 16.35 7.15 14.84
N GLU B 186 17.15 8.07 14.28
CA GLU B 186 16.74 9.47 14.23
C GLU B 186 15.46 9.68 13.45
N GLU B 187 15.10 8.74 12.59
CA GLU B 187 13.93 8.89 11.74
C GLU B 187 12.63 8.53 12.45
N ALA B 188 12.70 7.75 13.53
CA ALA B 188 11.49 7.43 14.28
C ALA B 188 10.89 8.70 14.88
N LYS B 189 9.58 8.86 14.74
CA LYS B 189 8.86 10.04 15.22
C LYS B 189 8.24 9.71 16.57
N LEU B 190 8.66 10.43 17.61
CA LEU B 190 8.33 10.10 18.98
C LEU B 190 7.35 11.12 19.58
N TYR B 191 6.24 10.64 20.13
CA TYR B 191 5.17 11.50 20.59
C TYR B 191 4.92 11.30 22.08
N ILE B 192 4.61 12.38 22.77
CA ILE B 192 3.97 12.31 24.08
C ILE B 192 2.49 12.52 23.86
N ASN B 193 1.69 11.59 24.37
CA ASN B 193 0.26 11.50 24.10
C ASN B 193 -0.52 11.84 25.38
N ASP B 194 -1.64 12.54 25.23
CA ASP B 194 -2.48 12.85 26.39
C ASP B 194 -3.85 13.33 25.93
N TYR B 195 -4.81 13.32 26.87
CA TYR B 195 -6.16 13.81 26.68
C TYR B 195 -6.32 15.15 27.39
N ASN B 196 -7.38 15.87 27.01
CA ASN B 196 -7.66 17.20 27.55
C ASN B 196 -6.48 18.15 27.35
N THR B 197 -5.75 17.98 26.25
CA THR B 197 -4.68 18.90 25.90
C THR B 197 -5.21 20.28 25.53
N GLU B 198 -6.53 20.41 25.36
CA GLU B 198 -7.16 21.69 25.08
C GLU B 198 -7.46 22.47 26.34
N VAL B 199 -7.45 21.83 27.51
CA VAL B 199 -7.75 22.53 28.76
C VAL B 199 -6.54 23.41 29.08
N PRO B 200 -6.69 24.73 29.16
CA PRO B 200 -5.50 25.59 29.28
C PRO B 200 -4.56 25.22 30.41
N SER B 201 -5.06 24.80 31.58
CA SER B 201 -4.16 24.46 32.68
C SER B 201 -3.35 23.22 32.36
N LYS B 202 -3.99 22.20 31.75
CA LYS B 202 -3.26 20.98 31.39
C LYS B 202 -2.35 21.21 30.20
N ARG B 203 -2.82 21.96 29.21
CA ARG B 203 -1.95 22.33 28.09
CA ARG B 203 -1.96 22.35 28.10
C ARG B 203 -0.67 22.98 28.60
N ASP B 204 -0.81 23.91 29.55
CA ASP B 204 0.38 24.60 30.04
C ASP B 204 1.30 23.67 30.81
N ASP B 205 0.73 22.74 31.58
CA ASP B 205 1.56 21.77 32.29
C ASP B 205 2.32 20.89 31.32
N LEU B 206 1.62 20.38 30.30
CA LEU B 206 2.28 19.58 29.28
C LEU B 206 3.35 20.38 28.55
N TYR B 207 3.04 21.64 28.21
CA TYR B 207 4.00 22.51 27.54
C TYR B 207 5.26 22.72 28.40
N ASN B 208 5.08 23.01 29.67
CA ASN B 208 6.24 23.27 30.52
C ASN B 208 7.08 22.00 30.71
N LEU B 209 6.43 20.84 30.82
CA LEU B 209 7.19 19.59 30.91
C LEU B 209 7.97 19.34 29.63
N VAL B 210 7.31 19.44 28.48
CA VAL B 210 8.00 19.11 27.23
C VAL B 210 9.13 20.10 26.96
N LYS B 211 8.93 21.38 27.28
CA LYS B 211 9.98 22.35 27.00
C LYS B 211 11.20 22.09 27.89
N ASP B 212 10.95 21.80 29.18
CA ASP B 212 12.03 21.40 30.07
CA ASP B 212 12.06 21.42 30.05
C ASP B 212 12.79 20.19 29.53
N LEU B 213 12.04 19.18 29.05
CA LEU B 213 12.69 17.98 28.55
C LEU B 213 13.47 18.25 27.26
N LEU B 214 12.90 19.08 26.37
CA LEU B 214 13.63 19.45 25.16
C LEU B 214 14.92 20.20 25.50
N GLU B 215 14.87 21.08 26.50
CA GLU B 215 16.06 21.83 26.91
C GLU B 215 17.09 20.93 27.57
N GLN B 216 16.70 19.76 28.04
CA GLN B 216 17.64 18.77 28.55
C GLN B 216 18.09 17.77 27.49
N GLY B 217 17.65 17.93 26.25
CA GLY B 217 18.09 17.04 25.18
C GLY B 217 17.23 15.82 24.94
N VAL B 218 16.10 15.69 25.63
CA VAL B 218 15.24 14.51 25.42
C VAL B 218 14.65 14.56 24.01
N PRO B 219 14.70 13.48 23.24
CA PRO B 219 14.20 13.55 21.87
C PRO B 219 12.70 13.37 21.79
N ILE B 220 11.95 14.46 21.79
CA ILE B 220 10.51 14.43 21.61
C ILE B 220 10.19 15.11 20.28
N ASP B 221 9.47 14.42 19.40
CA ASP B 221 9.15 14.98 18.10
C ASP B 221 7.78 15.65 18.03
N GLY B 222 6.82 15.25 18.84
CA GLY B 222 5.50 15.83 18.70
C GLY B 222 4.62 15.50 19.87
N VAL B 223 3.42 16.10 19.85
CA VAL B 223 2.41 15.89 20.87
C VAL B 223 1.24 15.18 20.23
N GLY B 224 0.76 14.11 20.87
CA GLY B 224 -0.47 13.46 20.48
C GLY B 224 -1.61 13.99 21.31
N HIS B 225 -2.62 14.56 20.62
CA HIS B 225 -3.83 15.06 21.24
C HIS B 225 -4.90 13.98 21.11
N GLN B 226 -5.18 13.26 22.20
CA GLN B 226 -6.18 12.19 22.11
C GLN B 226 -7.50 12.68 21.55
N SER B 227 -7.93 13.89 21.95
CA SER B 227 -9.17 14.49 21.44
C SER B 227 -10.40 13.60 21.71
N HIS B 228 -10.53 13.18 22.96
CA HIS B 228 -11.78 12.56 23.38
C HIS B 228 -12.72 13.70 23.76
N ILE B 229 -13.54 14.12 22.81
CA ILE B 229 -14.27 15.36 22.96
C ILE B 229 -15.78 15.13 22.95
N GLN B 230 -16.54 16.21 23.07
CA GLN B 230 -17.99 16.14 23.15
C GLN B 230 -18.57 17.10 22.13
N ILE B 231 -19.90 17.04 21.96
CA ILE B 231 -20.55 17.98 21.06
C ILE B 231 -20.41 19.41 21.59
N GLY B 232 -20.30 19.59 22.91
CA GLY B 232 -20.28 20.95 23.45
C GLY B 232 -19.00 21.40 24.12
N TRP B 233 -17.96 20.57 24.07
CA TRP B 233 -16.74 20.82 24.83
C TRP B 233 -15.65 19.97 24.19
N PRO B 234 -14.39 20.44 24.10
CA PRO B 234 -13.93 21.79 24.45
C PRO B 234 -14.12 22.75 23.28
N SER B 235 -13.76 24.02 23.46
CA SER B 235 -13.98 25.01 22.44
C SER B 235 -12.96 24.88 21.31
N ILE B 236 -13.36 25.35 20.12
CA ILE B 236 -12.45 25.38 18.99
C ILE B 236 -11.26 26.30 19.27
N GLU B 237 -11.49 27.42 19.97
CA GLU B 237 -10.39 28.34 20.21
CA GLU B 237 -10.42 28.35 20.25
C GLU B 237 -9.35 27.73 21.16
N ASP B 238 -9.80 27.00 22.19
CA ASP B 238 -8.84 26.33 23.08
C ASP B 238 -8.09 25.22 22.34
N THR B 239 -8.77 24.53 21.42
CA THR B 239 -8.10 23.53 20.59
C THR B 239 -7.01 24.18 19.75
N ARG B 240 -7.36 25.26 19.04
CA ARG B 240 -6.37 26.00 18.27
CA ARG B 240 -6.38 26.01 18.28
C ARG B 240 -5.21 26.46 19.14
N ALA B 241 -5.51 27.04 20.31
CA ALA B 241 -4.45 27.56 21.17
C ALA B 241 -3.49 26.47 21.60
N SER B 242 -4.02 25.27 21.85
CA SER B 242 -3.17 24.16 22.26
C SER B 242 -2.23 23.72 21.13
N PHE B 243 -2.79 23.48 19.94
CA PHE B 243 -1.96 23.13 18.79
C PHE B 243 -0.86 24.16 18.58
N GLU B 244 -1.22 25.44 18.63
CA GLU B 244 -0.27 26.48 18.29
C GLU B 244 0.85 26.56 19.31
N LYS B 245 0.54 26.34 20.58
CA LYS B 245 1.57 26.40 21.61
C LYS B 245 2.61 25.31 21.43
N PHE B 246 2.18 24.09 21.09
CA PHE B 246 3.17 23.04 20.87
C PHE B 246 3.93 23.23 19.57
N THR B 247 3.25 23.76 18.54
CA THR B 247 3.97 24.16 17.32
C THR B 247 5.06 25.19 17.63
N SER B 248 4.81 26.08 18.59
CA SER B 248 5.80 27.08 19.00
C SER B 248 7.10 26.47 19.50
N LEU B 249 7.07 25.22 19.96
CA LEU B 249 8.27 24.52 20.40
C LEU B 249 8.93 23.73 19.29
N GLY B 250 8.48 23.87 18.04
CA GLY B 250 9.00 23.04 16.99
C GLY B 250 8.42 21.64 16.93
N LEU B 251 7.35 21.38 17.66
CA LEU B 251 6.79 20.03 17.74
C LEU B 251 5.70 19.83 16.70
N ASP B 252 5.64 18.59 16.17
CA ASP B 252 4.50 18.16 15.39
C ASP B 252 3.29 17.94 16.29
N ASN B 253 2.09 18.04 15.72
CA ASN B 253 0.85 17.68 16.40
C ASN B 253 0.19 16.53 15.66
N GLN B 254 -0.35 15.57 16.40
CA GLN B 254 -1.22 14.56 15.84
C GLN B 254 -2.50 14.52 16.66
N VAL B 255 -3.62 14.29 16.00
CA VAL B 255 -4.88 13.97 16.68
C VAL B 255 -4.93 12.45 16.74
N THR B 256 -4.88 11.86 17.94
CA THR B 256 -4.56 10.44 18.01
C THR B 256 -5.74 9.54 18.32
N GLU B 257 -6.79 10.03 18.99
CA GLU B 257 -7.85 9.11 19.43
C GLU B 257 -9.21 9.79 19.32
N LEU B 258 -9.44 10.47 18.21
CA LEU B 258 -10.62 11.35 18.10
C LEU B 258 -11.93 10.57 18.23
N ASP B 259 -12.80 11.03 19.12
CA ASP B 259 -14.19 10.62 19.07
C ASP B 259 -15.03 11.73 19.67
N MET B 260 -16.27 11.83 19.21
CA MET B 260 -17.15 12.89 19.69
C MET B 260 -18.39 12.28 20.33
N SER B 261 -18.37 12.16 21.65
CA SER B 261 -19.47 11.53 22.36
C SER B 261 -20.73 12.40 22.22
N LEU B 262 -21.88 11.72 22.23
CA LEU B 262 -23.18 12.39 22.30
C LEU B 262 -23.47 12.99 23.65
N TYR B 263 -22.66 12.72 24.66
CA TYR B 263 -22.98 13.10 26.03
C TYR B 263 -21.92 14.03 26.60
N GLY B 264 -22.18 14.51 27.81
CA GLY B 264 -21.19 15.21 28.58
C GLY B 264 -20.33 14.25 29.37
N TRP B 265 -19.66 14.79 30.39
CA TRP B 265 -18.80 13.98 31.25
C TRP B 265 -19.24 14.13 32.70
N PRO B 266 -19.58 13.04 33.41
CA PRO B 266 -19.69 11.68 32.88
C PRO B 266 -20.89 11.53 31.95
N PRO B 267 -20.92 10.46 31.11
CA PRO B 267 -22.01 10.27 30.15
C PRO B 267 -23.30 9.72 30.78
N THR B 268 -23.75 10.36 31.85
CA THR B 268 -25.01 9.97 32.45
C THR B 268 -26.16 10.27 31.49
N GLY B 269 -27.20 9.45 31.57
CA GLY B 269 -28.35 9.64 30.73
C GLY B 269 -28.18 9.16 29.31
N ALA B 270 -27.38 8.12 29.09
CA ALA B 270 -27.13 7.62 27.74
C ALA B 270 -28.35 6.94 27.16
N TYR B 271 -28.46 7.00 25.84
CA TYR B 271 -29.45 6.22 25.11
C TYR B 271 -29.08 4.73 25.14
N THR B 272 -30.10 3.88 25.20
CA THR B 272 -29.88 2.44 25.25
C THR B 272 -30.03 1.78 23.90
N SER B 273 -30.59 2.48 22.93
CA SER B 273 -30.67 1.97 21.57
C SER B 273 -30.31 3.10 20.60
N TYR B 274 -29.67 2.73 19.50
CA TYR B 274 -29.32 3.73 18.49
C TYR B 274 -30.56 4.41 17.94
N ASP B 275 -31.69 3.70 17.86
CA ASP B 275 -32.87 4.31 17.28
C ASP B 275 -33.51 5.37 18.17
N ASP B 276 -33.10 5.47 19.43
CA ASP B 276 -33.56 6.52 20.32
C ASP B 276 -32.75 7.79 20.21
N ILE B 277 -31.72 7.82 19.37
CA ILE B 277 -30.91 9.04 19.25
C ILE B 277 -31.69 10.04 18.41
N PRO B 278 -31.97 11.22 18.94
CA PRO B 278 -32.71 12.21 18.15
C PRO B 278 -31.87 12.74 17.00
N ALA B 279 -32.53 12.93 15.86
CA ALA B 279 -31.83 13.38 14.66
C ALA B 279 -31.15 14.72 14.88
N GLU B 280 -31.74 15.58 15.70
CA GLU B 280 -31.08 16.87 16.04
CA GLU B 280 -31.03 16.86 16.06
C GLU B 280 -29.66 16.80 16.83
N LEU B 281 -29.60 15.68 17.56
CA LEU B 281 -28.32 15.47 18.23
C LEU B 281 -27.24 15.09 17.22
N LEU B 282 -27.58 14.22 16.26
CA LEU B 282 -26.63 13.90 15.21
C LEU B 282 -26.31 15.11 14.34
N GLN B 283 -27.26 16.04 14.20
CA GLN B 283 -26.98 17.24 13.44
CA GLN B 283 -26.98 17.24 13.44
C GLN B 283 -26.01 18.14 14.19
N ALA B 284 -26.16 18.24 15.51
CA ALA B 284 -25.23 19.02 16.31
C ALA B 284 -23.83 18.42 16.24
N GLN B 285 -23.74 17.09 16.33
CA GLN B 285 -22.46 16.42 16.13
C GLN B 285 -21.85 16.78 14.77
N ALA B 286 -22.68 16.76 13.73
CA ALA B 286 -22.24 17.15 12.39
C ALA B 286 -21.69 18.58 12.38
N ASP B 287 -22.40 19.52 13.01
CA ASP B 287 -21.93 20.92 13.04
C ASP B 287 -20.57 21.02 13.70
N ARG B 288 -20.37 20.28 14.80
CA ARG B 288 -19.13 20.34 15.54
C ARG B 288 -17.97 19.74 14.74
N TYR B 289 -18.20 18.59 14.11
CA TYR B 289 -17.16 17.97 13.28
C TYR B 289 -16.77 18.90 12.12
N ASP B 290 -17.76 19.56 11.52
CA ASP B 290 -17.49 20.53 10.46
C ASP B 290 -16.47 21.57 10.91
N GLN B 291 -16.73 22.22 12.04
CA GLN B 291 -15.81 23.23 12.56
C GLN B 291 -14.47 22.61 12.93
N LEU B 292 -14.50 21.41 13.51
CA LEU B 292 -13.26 20.79 13.95
C LEU B 292 -12.34 20.50 12.78
N PHE B 293 -12.88 19.90 11.71
CA PHE B 293 -12.01 19.60 10.58
C PHE B 293 -11.66 20.85 9.78
N GLU B 294 -12.48 21.91 9.84
CA GLU B 294 -12.04 23.19 9.30
C GLU B 294 -10.82 23.69 10.05
N LEU B 295 -10.82 23.59 11.39
CA LEU B 295 -9.66 24.00 12.16
C LEU B 295 -8.46 23.14 11.80
N TYR B 296 -8.66 21.83 11.65
CA TYR B 296 -7.54 20.96 11.29
C TYR B 296 -6.94 21.38 9.95
N GLU B 297 -7.79 21.71 8.98
CA GLU B 297 -7.29 22.16 7.69
C GLU B 297 -6.56 23.50 7.81
N GLU B 298 -7.12 24.43 8.60
CA GLU B 298 -6.44 25.71 8.83
C GLU B 298 -5.03 25.51 9.38
N LEU B 299 -4.85 24.52 10.26
CA LEU B 299 -3.57 24.20 10.87
C LEU B 299 -2.89 23.02 10.21
N ALA B 300 -3.20 22.74 8.94
CA ALA B 300 -2.71 21.51 8.31
C ALA B 300 -1.19 21.44 8.28
N ALA B 301 -0.50 22.58 8.20
CA ALA B 301 0.96 22.56 8.23
C ALA B 301 1.53 22.07 9.55
N ASP B 302 0.74 22.12 10.63
CA ASP B 302 1.17 21.76 11.97
C ASP B 302 0.66 20.40 12.44
N ILE B 303 -0.10 19.71 11.60
CA ILE B 303 -0.77 18.46 11.96
C ILE B 303 -0.41 17.42 10.91
N SER B 304 0.22 16.32 11.32
CA SER B 304 0.61 15.30 10.36
C SER B 304 -0.38 14.15 10.24
N SER B 305 -1.29 14.00 11.20
CA SER B 305 -2.12 12.80 11.22
C SER B 305 -3.33 13.07 12.11
N VAL B 306 -4.50 12.61 11.66
CA VAL B 306 -5.73 12.64 12.45
C VAL B 306 -6.31 11.23 12.47
N THR B 307 -6.35 10.63 13.67
CA THR B 307 -6.84 9.25 13.83
C THR B 307 -8.11 9.26 14.69
N PHE B 308 -9.13 8.54 14.23
CA PHE B 308 -10.33 8.27 15.03
C PHE B 308 -10.10 7.05 15.90
N TRP B 309 -10.66 7.07 17.12
CA TRP B 309 -10.49 5.92 18.01
C TRP B 309 -11.52 4.83 17.71
N GLY B 310 -11.56 4.42 16.45
CA GLY B 310 -12.47 3.40 16.00
C GLY B 310 -12.88 3.70 14.57
N ILE B 311 -13.74 2.81 14.04
CA ILE B 311 -14.19 2.91 12.65
C ILE B 311 -15.62 3.40 12.59
N ALA B 312 -16.55 2.58 13.07
CA ALA B 312 -17.98 2.86 12.99
C ALA B 312 -18.58 2.71 14.38
N ASP B 313 -19.82 3.21 14.56
CA ASP B 313 -20.39 3.36 15.89
C ASP B 313 -20.64 2.03 16.60
N ASN B 314 -20.66 0.90 15.88
CA ASN B 314 -20.87 -0.39 16.53
C ASN B 314 -19.68 -0.85 17.36
N HIS B 315 -18.54 -0.17 17.32
CA HIS B 315 -17.39 -0.52 18.16
C HIS B 315 -16.68 0.73 18.65
N THR B 316 -16.83 1.06 19.93
CA THR B 316 -16.18 2.22 20.52
C THR B 316 -16.13 2.02 22.03
N TRP B 317 -14.99 2.36 22.64
CA TRP B 317 -14.88 2.32 24.09
C TRP B 317 -15.87 3.27 24.77
N LEU B 318 -16.47 4.21 24.04
CA LEU B 318 -17.49 5.07 24.62
C LEU B 318 -18.77 4.30 24.97
N ASP B 319 -19.02 3.14 24.34
CA ASP B 319 -20.10 2.27 24.78
C ASP B 319 -19.85 1.78 26.21
N GLY B 320 -18.63 1.34 26.48
CA GLY B 320 -18.28 0.93 27.83
C GLY B 320 -18.36 2.06 28.84
N ARG B 321 -17.94 3.27 28.43
CA ARG B 321 -18.04 4.41 29.33
C ARG B 321 -19.51 4.71 29.63
N ALA B 322 -20.37 4.65 28.62
CA ALA B 322 -21.79 4.87 28.83
C ALA B 322 -22.35 3.85 29.81
N ARG B 323 -22.00 2.57 29.63
CA ARG B 323 -22.47 1.52 30.54
C ARG B 323 -21.98 1.76 31.96
N GLU B 324 -20.71 2.16 32.11
CA GLU B 324 -20.17 2.36 33.45
C GLU B 324 -20.99 3.36 34.24
N TYR B 325 -21.56 4.36 33.58
CA TYR B 325 -22.27 5.42 34.26
C TYR B 325 -23.79 5.29 34.11
N ASN B 326 -24.27 4.19 33.54
CA ASN B 326 -25.71 3.99 33.37
C ASN B 326 -26.12 2.58 33.74
N ASN B 327 -25.51 2.06 34.82
CA ASN B 327 -25.91 0.78 35.40
C ASN B 327 -25.80 -0.38 34.39
N GLY B 328 -24.77 -0.34 33.55
CA GLY B 328 -24.48 -1.45 32.68
C GLY B 328 -25.15 -1.41 31.32
N VAL B 329 -25.96 -0.39 31.03
CA VAL B 329 -26.61 -0.29 29.73
C VAL B 329 -26.33 1.10 29.14
N GLY B 330 -26.26 1.16 27.82
CA GLY B 330 -26.08 2.43 27.14
C GLY B 330 -25.13 2.29 25.97
N ILE B 331 -25.36 3.10 24.93
CA ILE B 331 -24.49 3.14 23.76
C ILE B 331 -24.06 4.58 23.51
N ASP B 332 -23.03 4.73 22.69
CA ASP B 332 -22.59 6.03 22.22
C ASP B 332 -22.39 5.92 20.72
N ALA B 333 -22.35 7.06 20.04
CA ALA B 333 -22.31 7.11 18.57
C ALA B 333 -21.39 8.22 18.13
N PRO B 334 -20.08 8.01 18.25
CA PRO B 334 -19.11 9.13 18.16
C PRO B 334 -18.47 9.36 16.81
N PHE B 335 -18.80 8.60 15.76
CA PHE B 335 -18.05 8.65 14.51
C PHE B 335 -18.93 9.22 13.39
N VAL B 336 -18.36 9.28 12.19
CA VAL B 336 -19.11 9.66 11.00
C VAL B 336 -19.74 8.47 10.27
N PHE B 337 -19.52 7.24 10.76
CA PHE B 337 -20.16 6.04 10.24
C PHE B 337 -20.96 5.38 11.36
N ASP B 338 -22.24 5.07 11.09
CA ASP B 338 -23.11 4.63 12.17
C ASP B 338 -22.97 3.13 12.43
N HIS B 339 -23.79 2.61 13.35
CA HIS B 339 -23.62 1.24 13.82
C HIS B 339 -23.95 0.20 12.74
N ASN B 340 -24.67 0.59 11.68
CA ASN B 340 -24.88 -0.27 10.52
C ASN B 340 -23.94 0.05 9.36
N TYR B 341 -22.91 0.86 9.60
CA TYR B 341 -21.93 1.30 8.60
C TYR B 341 -22.49 2.29 7.60
N ARG B 342 -23.66 2.87 7.86
CA ARG B 342 -24.17 3.94 7.01
CA ARG B 342 -24.16 3.93 7.00
C ARG B 342 -23.54 5.26 7.43
N VAL B 343 -23.33 6.14 6.44
CA VAL B 343 -22.75 7.44 6.77
C VAL B 343 -23.75 8.25 7.59
N LYS B 344 -23.21 9.11 8.44
CA LYS B 344 -23.93 10.01 9.32
C LYS B 344 -23.88 11.43 8.80
N PRO B 345 -24.75 12.31 9.29
CA PRO B 345 -24.65 13.73 8.89
C PRO B 345 -23.23 14.29 8.97
N ALA B 346 -22.47 13.88 9.99
CA ALA B 346 -21.11 14.39 10.15
C ALA B 346 -20.21 14.01 8.98
N TYR B 347 -20.45 12.86 8.35
CA TYR B 347 -19.60 12.47 7.22
C TYR B 347 -19.70 13.50 6.10
N TRP B 348 -20.93 13.89 5.73
CA TRP B 348 -21.11 14.86 4.67
C TRP B 348 -20.47 16.20 5.01
N ARG B 349 -20.37 16.51 6.29
CA ARG B 349 -19.84 17.79 6.75
C ARG B 349 -18.31 17.81 6.85
N ILE B 350 -17.63 16.67 6.75
CA ILE B 350 -16.17 16.69 6.69
C ILE B 350 -15.62 16.17 5.37
N ILE B 351 -16.46 15.64 4.48
CA ILE B 351 -15.95 15.25 3.16
C ILE B 351 -15.99 16.41 2.17
N ASP B 352 -16.83 17.40 2.40
CA ASP B 352 -17.05 18.48 1.45
CA ASP B 352 -17.03 18.43 1.39
C ASP B 352 -15.78 19.30 1.26
N LEU B 353 -15.65 19.91 0.08
CA LEU B 353 -14.48 20.65 -0.34
C LEU B 353 -14.40 22.02 0.26
N GLU B 354 -15.25 22.32 1.24
CA GLU B 354 -15.19 23.60 1.95
C GLU B 354 -15.49 24.76 1.02
N HIS B 355 -16.44 24.53 0.10
CA HIS B 355 -16.96 25.60 -0.75
C HIS B 355 -18.09 26.37 -0.09
N HIS B 356 -18.58 25.89 1.05
CA HIS B 356 -19.74 26.49 1.74
C HIS B 356 -19.46 26.51 3.23
N HIS B 357 -19.24 27.70 3.77
CA HIS B 357 -18.95 27.83 5.19
C HIS B 357 -19.26 29.26 5.60
N HIS B 358 -19.14 29.51 6.90
CA HIS B 358 -19.44 30.83 7.43
C HIS B 358 -18.29 31.83 7.20
N HIS B 359 -17.04 31.37 7.33
CA HIS B 359 -15.92 32.29 7.11
C HIS B 359 -15.75 32.58 5.62
N HIS B 360 -14.91 33.57 5.32
CA HIS B 360 -14.56 33.88 3.94
CA HIS B 360 -14.55 33.86 3.93
C HIS B 360 -13.06 34.18 3.83
O1 XYP C . 2.48 -13.99 -19.04
C1 XYP C . 1.70 -13.40 -20.02
C2 XYP C . 2.40 -13.41 -21.39
C3 XYP C . 1.47 -12.82 -22.44
C4 XYP C . 0.15 -13.59 -22.43
C5 XYP C . -0.44 -13.55 -21.04
O2 XYP C . 3.66 -12.73 -21.36
O3 XYP C . 2.06 -12.90 -23.73
O4 XYP C . -0.76 -13.04 -23.38
O5 XYP C . 0.46 -14.13 -20.10
C1 XYP C . -1.76 -13.97 -23.56
C2 XYP C . -2.69 -13.32 -24.56
C3 XYP C . -3.78 -14.29 -25.00
C4 XYP C . -3.16 -15.59 -25.47
C5 XYP C . -2.21 -16.12 -24.41
O2 XYP C . -3.24 -12.12 -24.02
O3 XYP C . -4.55 -13.70 -26.05
O4 XYP C . -4.18 -16.57 -25.71
O5 XYP C . -1.20 -15.15 -24.11
O1 XYP D . 0.19 -16.32 -8.45
C1 XYP D . -0.21 -16.72 -9.72
C2 XYP D . -0.69 -15.52 -10.49
C3 XYP D . -1.10 -15.88 -11.91
C4 XYP D . 0.03 -16.66 -12.59
C5 XYP D . 0.44 -17.83 -11.72
O2 XYP D . -1.79 -14.91 -9.81
O3 XYP D . -1.42 -14.72 -12.66
O4 XYP D . -0.43 -17.14 -13.85
O5 XYP D . 0.85 -17.39 -10.42
C1 XYP D . 0.43 -16.75 -14.84
C2 XYP D . 0.36 -18.02 -15.69
C3 XYP D . 1.26 -17.90 -16.91
C4 XYP D . 0.94 -16.62 -17.67
C5 XYP D . 1.02 -15.43 -16.73
O2 XYP D . 0.69 -19.15 -14.88
O3 XYP D . 1.10 -19.04 -17.75
O4 XYP D . 1.85 -16.44 -18.76
O5 XYP D . 0.11 -15.60 -15.63
O1 XYP E . -6.73 7.62 27.14
C1 XYP E . -7.14 6.64 26.24
C2 XYP E . -6.01 5.65 25.99
C3 XYP E . -6.50 4.51 25.11
C4 XYP E . -7.73 3.88 25.74
C5 XYP E . -8.79 4.95 25.95
O2 XYP E . -4.87 6.31 25.42
O3 XYP E . -5.48 3.51 24.96
O4 XYP E . -8.25 2.86 24.87
O5 XYP E . -8.29 5.98 26.80
C1 XYP E . -9.15 2.10 25.58
C2 XYP E . -9.65 1.03 24.62
C3 XYP E . -10.54 0.03 25.35
C4 XYP E . -9.80 -0.54 26.54
C5 XYP E . -9.30 0.60 27.42
O2 XYP E . -10.35 1.65 23.55
O3 XYP E . -10.94 -1.01 24.47
O4 XYP E . -10.65 -1.38 27.31
O5 XYP E . -8.46 1.48 26.67
O1 XYP F . -12.86 16.06 31.47
C1 XYP F . -12.78 14.66 31.49
C2 XYP F . -12.92 14.12 30.09
C3 XYP F . -12.81 12.60 30.09
C4 XYP F . -11.55 12.15 30.81
C5 XYP F . -11.51 12.78 32.19
O2 XYP F . -14.16 14.54 29.53
O3 XYP F . -12.80 12.10 28.76
O4 XYP F . -11.55 10.73 30.94
O5 XYP F . -11.57 14.22 32.09
C1 XYP F . -10.32 10.36 30.45
C2 XYP F . -10.16 9.28 31.52
C3 XYP F . -8.90 8.46 31.29
C4 XYP F . -8.91 7.91 29.86
C5 XYP F . -9.06 9.07 28.89
O2 XYP F . -10.16 9.89 32.81
O3 XYP F . -8.83 7.38 32.22
O4 XYP F . -7.69 7.23 29.59
O5 XYP F . -10.28 9.78 29.14
CA CA G . -4.61 9.19 -7.84
CA CA H . 9.86 5.46 -23.54
CA CA I . 10.42 7.56 -15.81
CA CA J . -4.63 8.87 -3.53
CA CA K . -13.78 -8.67 -19.90
C ACT L . 0.98 14.27 4.36
O ACT L . 1.85 13.40 4.05
OXT ACT L . 0.61 15.32 3.75
CH3 ACT L . 0.25 14.03 5.66
C ACT M . 19.22 -22.31 -38.60
O ACT M . 17.97 -22.25 -38.81
OXT ACT M . 19.90 -23.26 -38.14
CH3 ACT M . 20.03 -21.01 -38.97
C1 MPD N . 6.35 -2.83 -41.77
C2 MPD N . 7.81 -2.97 -42.19
O2 MPD N . 8.18 -1.74 -42.87
CM MPD N . 8.71 -3.13 -40.98
C3 MPD N . 7.97 -4.18 -43.10
C4 MPD N . 8.50 -3.89 -44.51
O4 MPD N . 8.24 -2.54 -44.87
C5 MPD N . 9.99 -4.15 -44.61
C1 MPD O . 21.63 -19.42 -11.81
C2 MPD O . 21.64 -18.50 -10.59
O2 MPD O . 22.49 -17.36 -10.87
CM MPD O . 22.21 -19.21 -9.38
C3 MPD O . 20.23 -17.98 -10.30
C4 MPD O . 19.18 -19.07 -10.48
O4 MPD O . 19.13 -19.91 -9.36
C5 MPD O . 17.80 -18.45 -10.68
C1 MPD P . 8.83 -15.15 -46.92
C2 MPD P . 7.71 -16.19 -46.79
O2 MPD P . 8.11 -17.20 -45.81
CM MPD P . 7.49 -16.83 -48.15
C3 MPD P . 6.43 -15.54 -46.30
C4 MPD P . 5.19 -16.40 -46.51
O4 MPD P . 4.66 -16.80 -45.26
C5 MPD P . 4.11 -15.65 -47.29
C1 MPD Q . 32.82 -8.63 -20.12
C2 MPD Q . 33.31 -8.95 -18.71
O2 MPD Q . 34.73 -9.25 -18.77
CM MPD Q . 32.60 -10.19 -18.17
C3 MPD Q . 33.14 -7.74 -17.78
C4 MPD Q . 31.74 -7.53 -17.19
O4 MPD Q . 31.84 -7.31 -15.80
C5 MPD Q . 31.04 -6.33 -17.82
C1 MPD R . 20.52 -12.64 -1.02
C2 MPD R . 20.02 -12.24 -2.41
O2 MPD R . 21.13 -12.41 -3.34
CM MPD R . 19.66 -10.76 -2.42
C3 MPD R . 18.87 -13.10 -2.90
C4 MPD R . 18.59 -14.32 -2.00
O4 MPD R . 17.25 -14.35 -1.58
C5 MPD R . 18.90 -15.63 -2.73
C TRS S . 8.27 0.85 5.45
C1 TRS S . 8.93 -0.52 5.38
C2 TRS S . 7.28 0.91 6.60
C3 TRS S . 9.34 1.91 5.63
N TRS S . 7.53 1.07 4.20
O1 TRS S . 8.05 -1.52 5.87
O2 TRS S . 7.31 2.18 7.21
O3 TRS S . 9.97 1.69 6.88
C TRS T . -27.51 -12.63 -13.92
C1 TRS T . -29.03 -12.78 -14.05
C2 TRS T . -26.81 -13.98 -13.93
C3 TRS T . -26.97 -11.77 -15.06
N TRS T . -27.24 -12.00 -12.62
O1 TRS T . -29.48 -13.36 -15.26
O2 TRS T . -27.77 -14.99 -13.83
O3 TRS T . -26.40 -12.63 -16.02
C1 PEG U . 11.38 8.65 -18.52
O1 PEG U . 10.73 8.63 -19.78
C2 PEG U . 11.88 7.31 -18.07
O2 PEG U . 12.55 7.45 -16.82
C3 PEG U . 12.79 6.22 -16.15
C4 PEG U . 13.97 5.51 -16.74
O4 PEG U . 14.36 4.39 -15.94
CA CA V . -16.95 20.85 6.01
CA CA W . 2.05 10.28 7.65
CA CA X . 0.05 18.23 7.61
CA CA Y . -21.66 2.50 19.94
C ACT Z . -2.86 7.54 38.88
O ACT Z . -2.12 6.51 38.77
OXT ACT Z . -3.74 7.96 38.06
CH3 ACT Z . -2.70 8.41 40.18
C ACT AA . 15.76 -6.14 32.72
O ACT AA . 15.92 -5.53 33.84
OXT ACT AA . 16.23 -5.87 31.57
CH3 ACT AA . 14.88 -7.38 32.77
C1 MPD BA . 5.02 -8.71 11.78
C2 MPD BA . 6.52 -9.04 11.86
O2 MPD BA . 7.01 -9.10 10.50
CM MPD BA . 7.27 -7.95 12.62
C3 MPD BA . 6.73 -10.39 12.55
C4 MPD BA . 7.95 -11.15 12.03
O4 MPD BA . 8.61 -10.43 11.01
C5 MPD BA . 8.93 -11.41 13.17
C1 MPD CA . 4.28 19.95 34.80
C2 MPD CA . 5.50 20.59 35.48
O2 MPD CA . 5.22 20.68 36.89
CM MPD CA . 5.68 21.99 34.92
C3 MPD CA . 6.71 19.66 35.32
C4 MPD CA . 8.06 20.24 34.88
O4 MPD CA . 8.45 21.36 35.65
C5 MPD CA . 9.13 19.18 35.08
C TRS DA . -37.24 2.49 23.51
C1 TRS DA . -36.89 3.89 23.99
C2 TRS DA . -38.74 2.51 23.27
C3 TRS DA . -36.51 2.12 22.23
N TRS DA . -36.90 1.52 24.56
O1 TRS DA . -35.96 3.81 25.05
O2 TRS DA . -39.33 3.15 24.38
O3 TRS DA . -37.29 2.54 21.14
C1 PEG EA . -27.28 -1.40 -2.02
O1 PEG EA . -26.95 -0.09 -1.58
C2 PEG EA . -26.81 -2.45 -1.05
O2 PEG EA . -25.39 -2.51 -1.05
C3 PEG EA . -24.89 -3.28 0.03
C4 PEG EA . -23.42 -3.52 -0.14
O4 PEG EA . -23.14 -4.49 -1.13
#